data_7H75
#
_entry.id   7H75
#
_cell.length_a   87.326
_cell.length_b   87.326
_cell.length_c   85.694
_cell.angle_alpha   90.00
_cell.angle_beta   90.00
_cell.angle_gamma   120.00
#
_symmetry.space_group_name_H-M   'P 31'
#
loop_
_entity.id
_entity.type
_entity.pdbx_description
1 polymer 'Non-structural protein 3'
2 non-polymer 'DIMETHYL SULFOXIDE'
3 non-polymer 2-AMINO-2-HYDROXYMETHYL-PROPANE-1,3-DIOL
4 non-polymer 'CHLORIDE ION'
5 non-polymer 2-(3-fluorophenoxy)-N,N-dimethylacetamide
6 water water
#
_entity_poly.entity_id   1
_entity_poly.type   'polypeptide(L)'
_entity_poly.pdbx_seq_one_letter_code
;GAMAPSYRVKRMDIAKNDEECVVNAANPRGLPGDGVCKAVYKKWPESFKNSATPVGTAKTVMCGTYPVIHAVGPNFSNYT
ESEGDRELAAAYREVAKEVTRLGVNSVAIPLLSTGVYSGGKDRLTQSLNHLFTAMDSTDADVVIYCRDKEWEKKISEAIQ
MRT
;
_entity_poly.pdbx_strand_id   A,B,C,D
#
loop_
_chem_comp.id
_chem_comp.type
_chem_comp.name
_chem_comp.formula
CL non-polymer 'CHLORIDE ION' 'Cl -1'
DMS non-polymer 'DIMETHYL SULFOXIDE' 'C2 H6 O S'
TRS non-polymer 2-AMINO-2-HYDROXYMETHYL-PROPANE-1,3-DIOL 'C4 H12 N O3 1'
TT3 non-polymer 2-(3-fluorophenoxy)-N,N-dimethylacetamide 'C10 H12 F N O2'
#
# COMPACT_ATOMS: atom_id res chain seq x y z
N GLY A 1 -21.72 11.03 -1.11
CA GLY A 1 -22.21 10.75 -2.51
C GLY A 1 -21.46 11.56 -3.55
N ALA A 2 -21.55 11.19 -4.82
CA ALA A 2 -20.94 11.97 -5.91
C ALA A 2 -21.79 13.23 -6.14
N MET A 3 -21.16 14.30 -6.62
CA MET A 3 -21.80 15.63 -6.87
C MET A 3 -22.94 15.47 -7.90
N ALA A 4 -22.70 14.67 -8.94
CA ALA A 4 -23.66 14.40 -10.04
C ALA A 4 -23.55 12.93 -10.42
N PRO A 5 -24.10 12.03 -9.57
CA PRO A 5 -23.91 10.60 -9.78
C PRO A 5 -24.08 10.17 -11.25
N SER A 6 -23.14 9.38 -11.80
CA SER A 6 -23.04 9.04 -13.22
C SER A 6 -22.79 7.54 -13.39
N TYR A 7 -23.03 7.04 -14.59
CA TYR A 7 -22.56 5.73 -15.07
C TYR A 7 -21.53 5.96 -16.18
N ARG A 8 -20.44 5.22 -16.15
CA ARG A 8 -19.44 5.24 -17.22
C ARG A 8 -19.05 3.80 -17.50
N VAL A 9 -18.43 3.60 -18.65
CA VAL A 9 -17.89 2.26 -18.99
C VAL A 9 -16.45 2.42 -19.46
N LYS A 10 -15.59 1.50 -19.04
CA LYS A 10 -14.20 1.42 -19.53
C LYS A 10 -13.83 -0.01 -19.94
N ARG A 11 -13.03 -0.13 -21.00
CA ARG A 11 -12.55 -1.44 -21.48
C ARG A 11 -11.11 -1.58 -21.01
N MET A 12 -10.92 -2.24 -19.87
CA MET A 12 -9.59 -2.42 -19.25
C MET A 12 -9.78 -3.33 -18.03
N ASP A 13 -8.66 -3.72 -17.46
CA ASP A 13 -8.57 -4.61 -16.29
C ASP A 13 -9.09 -3.86 -15.06
N ILE A 14 -10.14 -4.41 -14.44
CA ILE A 14 -10.77 -3.79 -13.22
C ILE A 14 -9.74 -3.73 -12.08
N ALA A 15 -8.69 -4.58 -12.05
CA ALA A 15 -7.59 -4.48 -11.06
C ALA A 15 -6.83 -3.15 -11.16
N LYS A 16 -6.98 -2.35 -12.23
CA LYS A 16 -6.32 -1.05 -12.43
C LYS A 16 -7.37 0.08 -12.30
N ASN A 17 -8.49 -0.16 -11.61
CA ASN A 17 -9.57 0.85 -11.52
C ASN A 17 -9.10 2.12 -10.77
N ASP A 18 -9.81 3.22 -11.01
CA ASP A 18 -9.61 4.55 -10.36
C ASP A 18 -10.79 4.91 -9.44
N GLU A 19 -11.45 3.90 -8.84
CA GLU A 19 -12.61 4.10 -7.96
C GLU A 19 -12.26 3.80 -6.49
N GLU A 20 -13.17 4.13 -5.58
CA GLU A 20 -12.93 4.02 -4.12
C GLU A 20 -13.16 2.59 -3.60
N CYS A 21 -13.73 1.71 -4.41
CA CYS A 21 -13.90 0.29 -4.07
C CYS A 21 -14.15 -0.50 -5.36
N VAL A 22 -14.02 -1.81 -5.23
CA VAL A 22 -14.16 -2.74 -6.37
C VAL A 22 -15.16 -3.82 -6.02
N VAL A 23 -15.91 -4.26 -7.02
CA VAL A 23 -16.77 -5.47 -6.94
C VAL A 23 -16.04 -6.59 -7.66
N ASN A 24 -15.83 -7.67 -6.93
CA ASN A 24 -15.25 -8.91 -7.51
C ASN A 24 -16.39 -9.78 -8.00
N ALA A 25 -16.26 -10.33 -9.21
CA ALA A 25 -17.17 -11.37 -9.72
C ALA A 25 -16.71 -12.72 -9.12
N ALA A 26 -17.05 -12.95 -7.87
CA ALA A 26 -16.51 -14.02 -7.01
C ALA A 26 -17.19 -15.36 -7.28
N ASN A 27 -16.51 -16.41 -6.80
CA ASN A 27 -17.13 -17.75 -6.63
C ASN A 27 -17.62 -17.86 -5.21
N PRO A 28 -18.55 -18.77 -4.92
CA PRO A 28 -19.09 -18.89 -3.56
C PRO A 28 -18.07 -19.34 -2.48
N ARG A 29 -16.94 -19.89 -2.89
CA ARG A 29 -15.99 -20.52 -1.95
C ARG A 29 -14.81 -19.64 -1.63
N GLY A 30 -14.77 -18.43 -2.16
CA GLY A 30 -13.64 -17.55 -1.84
C GLY A 30 -12.35 -18.01 -2.44
N LEU A 31 -12.40 -18.75 -3.56
CA LEU A 31 -11.18 -19.28 -4.23
C LEU A 31 -10.66 -18.27 -5.23
N PRO A 32 -9.35 -18.30 -5.57
CA PRO A 32 -8.80 -17.39 -6.58
C PRO A 32 -9.53 -17.42 -7.92
N GLY A 33 -10.02 -18.57 -8.38
CA GLY A 33 -10.88 -18.59 -9.59
C GLY A 33 -10.13 -18.26 -10.87
N ASP A 34 -10.82 -17.75 -11.89
CA ASP A 34 -10.20 -17.26 -13.15
C ASP A 34 -10.84 -15.94 -13.60
N GLY A 35 -10.33 -15.36 -14.67
CA GLY A 35 -10.95 -14.13 -15.24
C GLY A 35 -10.84 -12.97 -14.26
N VAL A 36 -11.90 -12.16 -14.13
CA VAL A 36 -11.94 -11.02 -13.17
C VAL A 36 -11.48 -11.51 -11.79
N CYS A 37 -12.02 -12.62 -11.29
CA CYS A 37 -11.73 -13.08 -9.92
C CYS A 37 -10.21 -13.31 -9.73
N LYS A 38 -9.52 -13.90 -10.72
CA LYS A 38 -8.06 -14.14 -10.55
C LYS A 38 -7.27 -12.81 -10.58
N ALA A 39 -7.70 -11.82 -11.37
CA ALA A 39 -7.01 -10.51 -11.44
C ALA A 39 -7.18 -9.85 -10.08
N VAL A 40 -8.37 -9.99 -9.51
CA VAL A 40 -8.73 -9.39 -8.19
C VAL A 40 -7.88 -10.10 -7.13
N TYR A 41 -7.74 -11.43 -7.20
CA TYR A 41 -6.88 -12.18 -6.26
C TYR A 41 -5.42 -11.71 -6.32
N LYS A 42 -4.87 -11.49 -7.51
CA LYS A 42 -3.45 -11.05 -7.63
C LYS A 42 -3.26 -9.63 -7.06
N LYS A 43 -4.27 -8.76 -7.20
CA LYS A 43 -4.15 -7.35 -6.79
C LYS A 43 -4.44 -7.18 -5.30
N TRP A 44 -5.43 -7.89 -4.76
CA TRP A 44 -5.93 -7.72 -3.39
C TRP A 44 -6.02 -9.08 -2.70
N PRO A 45 -4.95 -9.90 -2.62
CA PRO A 45 -5.13 -11.25 -2.07
C PRO A 45 -5.60 -11.29 -0.61
N GLU A 46 -5.27 -10.27 0.17
CA GLU A 46 -5.67 -10.15 1.58
C GLU A 46 -7.22 -10.12 1.69
N SER A 47 -7.91 -9.67 0.63
CA SER A 47 -9.37 -9.55 0.67
C SER A 47 -10.06 -10.91 0.56
N PHE A 48 -9.31 -11.98 0.40
CA PHE A 48 -9.95 -13.32 0.23
C PHE A 48 -9.97 -14.07 1.56
N LYS A 49 -9.53 -13.44 2.65
CA LYS A 49 -9.73 -13.98 4.03
C LYS A 49 -11.21 -14.04 4.39
N ASN A 50 -11.77 -15.27 4.52
CA ASN A 50 -13.20 -15.43 4.90
C ASN A 50 -14.12 -14.65 3.95
N SER A 51 -13.85 -14.75 2.65
CA SER A 51 -14.70 -14.13 1.60
C SER A 51 -15.80 -15.08 1.06
N ALA A 52 -15.80 -16.35 1.42
CA ALA A 52 -16.83 -17.28 0.94
C ALA A 52 -18.21 -16.82 1.35
N THR A 53 -19.18 -16.86 0.44
CA THR A 53 -20.55 -16.36 0.64
C THR A 53 -21.45 -17.03 -0.39
N PRO A 54 -22.74 -17.21 -0.11
CA PRO A 54 -23.60 -17.94 -1.03
C PRO A 54 -23.90 -17.20 -2.31
N VAL A 55 -24.48 -17.94 -3.26
CA VAL A 55 -24.97 -17.32 -4.50
C VAL A 55 -26.03 -16.28 -4.14
N GLY A 56 -26.02 -15.16 -4.89
CA GLY A 56 -27.03 -14.10 -4.71
C GLY A 56 -26.72 -13.14 -3.58
N THR A 57 -25.54 -13.24 -2.98
CA THR A 57 -25.06 -12.38 -1.86
C THR A 57 -23.76 -11.68 -2.23
N ALA A 58 -23.44 -10.69 -1.40
CA ALA A 58 -22.16 -9.99 -1.48
C ALA A 58 -21.59 -9.86 -0.07
N LYS A 59 -20.30 -10.06 0.02
CA LYS A 59 -19.53 -9.98 1.28
C LYS A 59 -18.33 -9.08 1.05
N THR A 60 -18.16 -8.02 1.87
CA THR A 60 -17.05 -7.06 1.75
C THR A 60 -15.92 -7.49 2.69
N VAL A 61 -14.71 -7.52 2.17
CA VAL A 61 -13.47 -7.70 2.96
C VAL A 61 -12.50 -6.59 2.57
N MET A 62 -11.92 -5.94 3.57
N MET A 62 -11.93 -5.93 3.57
CA MET A 62 -10.95 -4.84 3.37
CA MET A 62 -10.96 -4.83 3.37
C MET A 62 -9.60 -5.43 2.95
C MET A 62 -9.59 -5.42 2.96
N CYS A 63 -8.93 -4.73 2.04
CA CYS A 63 -7.49 -4.91 1.73
C CYS A 63 -6.82 -3.61 2.15
N GLY A 64 -6.23 -3.57 3.36
CA GLY A 64 -5.86 -2.29 3.96
C GLY A 64 -7.10 -1.51 4.28
N THR A 65 -7.31 -0.33 3.70
CA THR A 65 -8.54 0.44 3.83
C THR A 65 -9.35 0.38 2.50
N TYR A 66 -8.92 -0.43 1.53
CA TYR A 66 -9.61 -0.47 0.21
C TYR A 66 -10.65 -1.60 0.22
N PRO A 67 -11.96 -1.31 0.08
CA PRO A 67 -12.99 -2.37 0.18
C PRO A 67 -13.12 -3.20 -1.12
N VAL A 68 -13.12 -4.51 -0.94
CA VAL A 68 -13.39 -5.48 -2.04
C VAL A 68 -14.73 -6.12 -1.73
N ILE A 69 -15.74 -5.90 -2.60
CA ILE A 69 -17.10 -6.41 -2.39
C ILE A 69 -17.17 -7.69 -3.24
N HIS A 70 -17.15 -8.86 -2.59
CA HIS A 70 -17.25 -10.15 -3.31
C HIS A 70 -18.70 -10.47 -3.60
N ALA A 71 -19.11 -10.33 -4.86
CA ALA A 71 -20.51 -10.53 -5.31
C ALA A 71 -20.58 -11.85 -6.09
N VAL A 72 -21.46 -12.75 -5.65
CA VAL A 72 -21.54 -14.12 -6.24
C VAL A 72 -22.80 -14.26 -7.13
N GLY A 73 -22.59 -14.14 -8.43
CA GLY A 73 -23.61 -14.41 -9.44
C GLY A 73 -23.81 -15.90 -9.61
N PRO A 74 -24.97 -16.30 -10.10
CA PRO A 74 -25.26 -17.69 -10.41
C PRO A 74 -24.47 -18.17 -11.64
N ASN A 75 -24.09 -19.45 -11.59
CA ASN A 75 -23.57 -20.12 -12.80
C ASN A 75 -24.77 -20.71 -13.58
N PHE A 76 -25.08 -20.16 -14.73
CA PHE A 76 -26.25 -20.52 -15.56
C PHE A 76 -26.05 -21.95 -16.14
N SER A 77 -24.89 -22.54 -16.01
CA SER A 77 -24.74 -23.99 -16.29
C SER A 77 -25.56 -24.82 -15.28
N ASN A 78 -25.78 -24.33 -14.05
CA ASN A 78 -26.39 -25.13 -12.95
C ASN A 78 -27.81 -24.69 -12.64
N TYR A 79 -28.11 -23.39 -12.74
CA TYR A 79 -29.42 -22.79 -12.42
C TYR A 79 -30.29 -22.84 -13.68
N THR A 80 -31.60 -22.94 -13.47
CA THR A 80 -32.61 -22.68 -14.52
C THR A 80 -32.52 -21.21 -14.94
N GLU A 81 -32.97 -20.89 -16.14
CA GLU A 81 -33.05 -19.44 -16.56
C GLU A 81 -33.80 -18.63 -15.50
N SER A 82 -34.91 -19.13 -14.98
CA SER A 82 -35.80 -18.45 -14.03
C SER A 82 -35.08 -18.24 -12.68
N GLU A 83 -34.51 -19.29 -12.10
CA GLU A 83 -33.86 -19.20 -10.77
C GLU A 83 -32.58 -18.38 -10.90
N GLY A 84 -31.85 -18.58 -11.98
CA GLY A 84 -30.61 -17.82 -12.23
C GLY A 84 -30.91 -16.34 -12.33
N ASP A 85 -31.97 -15.98 -13.06
CA ASP A 85 -32.32 -14.55 -13.22
C ASP A 85 -32.58 -13.94 -11.84
N ARG A 86 -33.30 -14.64 -10.96
CA ARG A 86 -33.62 -14.18 -9.58
C ARG A 86 -32.33 -13.99 -8.78
N GLU A 87 -31.40 -14.96 -8.85
CA GLU A 87 -30.15 -14.89 -8.05
C GLU A 87 -29.28 -13.75 -8.60
N LEU A 88 -29.30 -13.51 -9.90
CA LEU A 88 -28.43 -12.47 -10.51
C LEU A 88 -28.94 -11.08 -10.08
N ALA A 89 -30.24 -10.87 -10.12
CA ALA A 89 -30.86 -9.64 -9.59
C ALA A 89 -30.49 -9.46 -8.11
N ALA A 90 -30.59 -10.51 -7.28
CA ALA A 90 -30.34 -10.43 -5.84
C ALA A 90 -28.87 -10.04 -5.58
N ALA A 91 -27.91 -10.64 -6.29
CA ALA A 91 -26.49 -10.31 -6.06
C ALA A 91 -26.27 -8.81 -6.25
N TYR A 92 -26.84 -8.23 -7.30
CA TYR A 92 -26.68 -6.77 -7.52
C TYR A 92 -27.38 -5.95 -6.41
N ARG A 93 -28.55 -6.36 -5.94
CA ARG A 93 -29.19 -5.66 -4.79
C ARG A 93 -28.25 -5.67 -3.58
N GLU A 94 -27.56 -6.79 -3.30
CA GLU A 94 -26.66 -6.84 -2.12
C GLU A 94 -25.45 -5.94 -2.40
N VAL A 95 -24.96 -5.79 -3.63
CA VAL A 95 -23.85 -4.88 -3.94
C VAL A 95 -24.30 -3.45 -3.62
N ALA A 96 -25.50 -3.06 -4.02
CA ALA A 96 -26.01 -1.69 -3.73
C ALA A 96 -26.04 -1.42 -2.22
N LYS A 97 -26.47 -2.37 -1.40
CA LYS A 97 -26.47 -2.25 0.08
C LYS A 97 -25.04 -2.04 0.60
N GLU A 98 -24.07 -2.83 0.11
CA GLU A 98 -22.68 -2.71 0.56
C GLU A 98 -22.10 -1.36 0.16
N VAL A 99 -22.26 -0.96 -1.09
CA VAL A 99 -21.75 0.35 -1.59
C VAL A 99 -22.31 1.47 -0.67
N THR A 100 -23.61 1.38 -0.36
CA THR A 100 -24.27 2.40 0.51
C THR A 100 -23.64 2.41 1.89
N ARG A 101 -23.53 1.24 2.52
CA ARG A 101 -23.01 1.06 3.89
C ARG A 101 -21.57 1.62 3.97
N LEU A 102 -20.74 1.45 2.95
CA LEU A 102 -19.31 1.80 2.96
C LEU A 102 -19.16 3.32 2.86
N GLY A 103 -20.16 4.01 2.31
CA GLY A 103 -20.13 5.49 2.16
C GLY A 103 -19.15 5.94 1.11
N VAL A 104 -18.80 5.04 0.16
CA VAL A 104 -17.90 5.41 -0.97
C VAL A 104 -18.61 6.39 -1.95
N ASN A 105 -17.84 7.19 -2.65
CA ASN A 105 -18.34 8.08 -3.70
C ASN A 105 -18.22 7.46 -5.08
N SER A 106 -17.57 6.28 -5.22
CA SER A 106 -17.41 5.65 -6.56
C SER A 106 -17.14 4.15 -6.35
N VAL A 107 -17.51 3.35 -7.36
CA VAL A 107 -17.36 1.88 -7.31
C VAL A 107 -17.06 1.38 -8.73
N ALA A 108 -16.10 0.45 -8.84
CA ALA A 108 -15.77 -0.28 -10.09
C ALA A 108 -16.55 -1.60 -10.08
N ILE A 109 -17.28 -1.91 -11.15
N ILE A 109 -17.37 -1.86 -11.10
CA ILE A 109 -18.16 -3.11 -11.16
CA ILE A 109 -18.24 -3.08 -11.18
C ILE A 109 -18.11 -3.84 -12.50
C ILE A 109 -17.98 -3.81 -12.49
N PRO A 110 -17.91 -5.17 -12.48
CA PRO A 110 -17.99 -5.98 -13.69
C PRO A 110 -19.43 -6.46 -13.92
N LEU A 111 -19.73 -6.97 -15.13
CA LEU A 111 -21.08 -7.53 -15.40
C LEU A 111 -21.11 -8.99 -14.91
N LEU A 112 -21.80 -9.21 -13.81
CA LEU A 112 -21.88 -10.55 -13.15
C LEU A 112 -22.53 -11.55 -14.11
N SER A 113 -22.03 -12.80 -14.03
CA SER A 113 -22.57 -13.97 -14.76
C SER A 113 -22.49 -13.78 -16.30
N THR A 114 -21.56 -13.01 -16.83
CA THR A 114 -21.42 -12.81 -18.32
C THR A 114 -20.26 -13.59 -18.92
N GLY A 115 -19.41 -14.19 -18.10
CA GLY A 115 -18.19 -14.90 -18.56
C GLY A 115 -18.37 -16.40 -18.40
N VAL A 116 -17.54 -17.06 -17.60
CA VAL A 116 -17.65 -18.54 -17.44
C VAL A 116 -18.92 -18.95 -16.68
N TYR A 117 -19.69 -18.03 -16.08
CA TYR A 117 -20.98 -18.35 -15.43
C TYR A 117 -22.17 -18.08 -16.36
N SER A 118 -21.93 -17.75 -17.64
CA SER A 118 -23.01 -17.36 -18.60
C SER A 118 -23.78 -18.57 -19.14
N GLY A 119 -23.29 -19.79 -18.91
CA GLY A 119 -23.91 -20.98 -19.52
C GLY A 119 -23.91 -20.89 -21.05
N GLY A 120 -22.93 -20.18 -21.61
CA GLY A 120 -22.68 -20.09 -23.06
C GLY A 120 -23.62 -19.12 -23.77
N LYS A 121 -24.30 -18.22 -23.04
CA LYS A 121 -25.30 -17.29 -23.62
C LYS A 121 -24.76 -15.86 -23.45
N ASP A 122 -25.12 -14.98 -24.37
CA ASP A 122 -24.86 -13.52 -24.28
C ASP A 122 -25.86 -12.95 -23.27
N ARG A 123 -25.35 -12.46 -22.12
CA ARG A 123 -26.18 -11.94 -21.01
C ARG A 123 -25.81 -10.48 -20.74
N LEU A 124 -25.27 -9.77 -21.74
CA LEU A 124 -24.91 -8.33 -21.56
C LEU A 124 -26.15 -7.59 -21.06
N THR A 125 -27.24 -7.60 -21.81
CA THR A 125 -28.45 -6.82 -21.51
C THR A 125 -29.03 -7.26 -20.17
N GLN A 126 -29.15 -8.58 -19.95
CA GLN A 126 -29.80 -9.13 -18.72
C GLN A 126 -29.00 -8.63 -17.49
N SER A 127 -27.69 -8.80 -17.55
CA SER A 127 -26.83 -8.47 -16.38
C SER A 127 -26.79 -6.95 -16.17
N LEU A 128 -26.62 -6.17 -17.26
CA LEU A 128 -26.58 -4.69 -17.15
C LEU A 128 -27.91 -4.13 -16.60
N ASN A 129 -29.06 -4.65 -17.02
CA ASN A 129 -30.38 -4.15 -16.56
C ASN A 129 -30.52 -4.46 -15.08
N HIS A 130 -30.05 -5.62 -14.58
CA HIS A 130 -30.10 -5.87 -13.13
C HIS A 130 -29.14 -4.95 -12.36
N LEU A 131 -28.00 -4.64 -12.95
CA LEU A 131 -27.03 -3.65 -12.37
C LEU A 131 -27.78 -2.31 -12.21
N PHE A 132 -28.42 -1.85 -13.27
CA PHE A 132 -29.11 -0.54 -13.20
C PHE A 132 -30.21 -0.61 -12.15
N THR A 133 -31.04 -1.66 -12.12
CA THR A 133 -32.16 -1.73 -11.16
C THR A 133 -31.64 -1.52 -9.73
N ALA A 134 -30.51 -2.15 -9.40
CA ALA A 134 -29.93 -2.07 -8.05
C ALA A 134 -29.27 -0.72 -7.79
N MET A 135 -28.48 -0.22 -8.74
CA MET A 135 -27.57 0.90 -8.48
C MET A 135 -28.24 2.25 -8.76
N ASP A 136 -29.41 2.26 -9.39
CA ASP A 136 -30.04 3.55 -9.76
C ASP A 136 -30.37 4.39 -8.52
N SER A 137 -30.67 3.77 -7.39
CA SER A 137 -31.09 4.49 -6.15
C SER A 137 -29.86 4.85 -5.33
N THR A 138 -28.64 4.46 -5.73
CA THR A 138 -27.40 4.83 -5.02
C THR A 138 -26.83 6.12 -5.61
N ASP A 139 -26.03 6.86 -4.84
CA ASP A 139 -25.43 8.12 -5.38
C ASP A 139 -23.93 7.97 -5.61
N ALA A 140 -23.40 6.74 -5.64
CA ALA A 140 -22.01 6.54 -6.07
C ALA A 140 -21.84 6.72 -7.60
N ASP A 141 -20.72 7.29 -8.05
CA ASP A 141 -20.27 7.16 -9.45
C ASP A 141 -20.00 5.67 -9.72
N VAL A 142 -20.65 5.11 -10.74
CA VAL A 142 -20.49 3.68 -11.10
C VAL A 142 -19.66 3.63 -12.37
N VAL A 143 -18.58 2.87 -12.34
CA VAL A 143 -17.75 2.65 -13.54
C VAL A 143 -17.76 1.15 -13.82
N ILE A 144 -18.35 0.79 -14.97
CA ILE A 144 -18.50 -0.62 -15.41
C ILE A 144 -17.26 -0.96 -16.20
N TYR A 145 -16.67 -2.12 -15.92
CA TYR A 145 -15.42 -2.59 -16.58
C TYR A 145 -15.77 -3.77 -17.48
N CYS A 146 -15.23 -3.78 -18.68
CA CYS A 146 -15.41 -4.89 -19.65
C CYS A 146 -14.11 -5.09 -20.44
N ARG A 147 -14.01 -6.17 -21.22
CA ARG A 147 -12.77 -6.48 -21.98
C ARG A 147 -12.97 -6.46 -23.51
N ASP A 148 -14.21 -6.67 -23.97
CA ASP A 148 -14.56 -6.82 -25.40
C ASP A 148 -14.93 -5.46 -26.00
N LYS A 149 -14.40 -5.12 -27.19
CA LYS A 149 -14.66 -3.82 -27.85
C LYS A 149 -16.14 -3.68 -28.23
N GLU A 150 -16.79 -4.75 -28.70
CA GLU A 150 -18.22 -4.68 -29.06
C GLU A 150 -19.09 -4.48 -27.80
N TRP A 151 -18.74 -5.14 -26.69
CA TRP A 151 -19.47 -4.93 -25.41
C TRP A 151 -19.31 -3.49 -24.93
N GLU A 152 -18.13 -2.90 -25.05
CA GLU A 152 -17.89 -1.49 -24.64
C GLU A 152 -18.92 -0.61 -25.37
N LYS A 153 -19.06 -0.80 -26.69
CA LYS A 153 -19.97 0.03 -27.51
C LYS A 153 -21.41 -0.18 -27.02
N LYS A 154 -21.86 -1.42 -26.82
CA LYS A 154 -23.24 -1.71 -26.42
C LYS A 154 -23.55 -1.19 -25.01
N ILE A 155 -22.62 -1.34 -24.09
CA ILE A 155 -22.80 -0.79 -22.72
C ILE A 155 -22.88 0.75 -22.79
N SER A 156 -22.00 1.39 -23.54
CA SER A 156 -21.96 2.87 -23.67
C SER A 156 -23.29 3.33 -24.26
N GLU A 157 -23.79 2.63 -25.29
CA GLU A 157 -25.09 2.98 -25.93
C GLU A 157 -26.22 2.86 -24.91
N ALA A 158 -26.27 1.79 -24.10
CA ALA A 158 -27.32 1.57 -23.11
C ALA A 158 -27.28 2.70 -22.08
N ILE A 159 -26.10 3.14 -21.66
CA ILE A 159 -26.00 4.23 -20.64
C ILE A 159 -26.56 5.52 -21.27
N GLN A 160 -26.14 5.82 -22.49
CA GLN A 160 -26.48 7.10 -23.18
C GLN A 160 -27.98 7.16 -23.47
N MET A 161 -28.63 6.02 -23.74
CA MET A 161 -30.08 5.87 -24.07
C MET A 161 -30.95 6.43 -22.94
N ARG A 162 -30.53 6.27 -21.69
CA ARG A 162 -31.28 6.79 -20.49
C ARG A 162 -30.97 8.30 -20.32
N THR A 163 -30.07 8.82 -21.17
CA THR A 163 -29.57 10.21 -21.35
C THR A 163 -28.25 10.33 -20.59
N GLY B 1 1.17 29.27 -18.29
CA GLY B 1 2.65 29.01 -18.22
C GLY B 1 3.15 28.99 -16.78
N ALA B 2 4.36 28.45 -16.57
CA ALA B 2 5.03 28.45 -15.25
C ALA B 2 5.56 29.86 -15.02
N MET B 3 5.65 30.35 -13.77
CA MET B 3 5.99 31.79 -13.55
C MET B 3 7.45 32.05 -13.95
N ALA B 4 8.31 31.06 -13.81
CA ALA B 4 9.69 31.11 -14.32
C ALA B 4 9.99 29.77 -15.00
N PRO B 5 9.59 29.63 -16.29
CA PRO B 5 9.75 28.33 -16.96
C PRO B 5 11.15 27.75 -16.74
N SER B 6 11.21 26.47 -16.41
CA SER B 6 12.45 25.75 -16.05
C SER B 6 12.48 24.36 -16.72
N TYR B 7 13.67 23.82 -16.75
CA TYR B 7 13.97 22.39 -16.97
C TYR B 7 14.55 21.78 -15.69
N ARG B 8 14.04 20.60 -15.33
CA ARG B 8 14.48 19.78 -14.18
C ARG B 8 14.67 18.33 -14.66
N VAL B 9 15.49 17.54 -13.96
CA VAL B 9 15.63 16.09 -14.22
C VAL B 9 15.33 15.33 -12.93
N LYS B 10 14.57 14.24 -13.06
CA LYS B 10 14.29 13.28 -11.96
C LYS B 10 14.69 11.88 -12.43
N ARG B 11 15.39 11.14 -11.59
CA ARG B 11 15.76 9.73 -11.85
C ARG B 11 14.78 8.84 -11.10
N MET B 12 13.66 8.48 -11.74
CA MET B 12 12.52 7.72 -11.18
C MET B 12 11.60 7.35 -12.33
N ASP B 13 10.64 6.47 -12.04
CA ASP B 13 9.56 5.97 -12.93
C ASP B 13 8.63 7.14 -13.28
N ILE B 14 8.52 7.43 -14.57
CA ILE B 14 7.71 8.56 -15.11
C ILE B 14 6.23 8.30 -14.80
N ALA B 15 5.82 7.06 -14.57
CA ALA B 15 4.40 6.74 -14.22
C ALA B 15 4.02 7.36 -12.85
N LYS B 16 4.98 7.75 -12.03
CA LYS B 16 4.75 8.43 -10.71
C LYS B 16 4.96 9.94 -10.72
N ASN B 17 4.86 10.54 -11.93
CA ASN B 17 5.05 11.99 -12.22
C ASN B 17 4.01 12.82 -11.46
N ASP B 18 4.47 13.96 -10.94
CA ASP B 18 3.66 15.02 -10.28
C ASP B 18 3.54 16.23 -11.21
N GLU B 19 3.60 16.00 -12.53
CA GLU B 19 3.32 17.06 -13.54
C GLU B 19 1.92 16.98 -14.07
N GLU B 20 1.49 18.01 -14.82
CA GLU B 20 0.09 18.15 -15.27
C GLU B 20 -0.20 17.29 -16.50
N CYS B 21 0.85 16.67 -17.09
CA CYS B 21 0.66 15.73 -18.21
C CYS B 21 1.95 14.94 -18.40
N VAL B 22 1.86 13.85 -19.17
CA VAL B 22 3.00 12.92 -19.38
C VAL B 22 3.15 12.67 -20.90
N VAL B 23 4.41 12.52 -21.29
CA VAL B 23 4.80 12.07 -22.66
C VAL B 23 5.20 10.59 -22.54
N ASN B 24 4.49 9.77 -23.28
CA ASN B 24 4.80 8.35 -23.43
C ASN B 24 5.82 8.19 -24.60
N ALA B 25 6.82 7.37 -24.40
CA ALA B 25 7.74 7.00 -25.49
C ALA B 25 7.08 5.80 -26.20
N ALA B 26 6.15 6.10 -27.08
CA ALA B 26 5.15 5.18 -27.66
C ALA B 26 5.75 4.41 -28.85
N ASN B 27 5.11 3.28 -29.16
CA ASN B 27 5.28 2.66 -30.48
C ASN B 27 4.18 3.12 -31.42
N PRO B 28 4.30 2.94 -32.73
CA PRO B 28 3.31 3.41 -33.69
C PRO B 28 1.92 2.74 -33.62
N ARG B 29 1.82 1.60 -32.95
CA ARG B 29 0.61 0.74 -33.05
C ARG B 29 -0.20 0.87 -31.78
N GLY B 30 0.28 1.60 -30.79
CA GLY B 30 -0.41 1.77 -29.50
C GLY B 30 -0.40 0.48 -28.70
N LEU B 31 0.68 -0.29 -28.81
CA LEU B 31 0.87 -1.52 -28.03
C LEU B 31 1.55 -1.21 -26.72
N PRO B 32 1.45 -2.11 -25.71
CA PRO B 32 2.14 -1.91 -24.44
C PRO B 32 3.69 -1.69 -24.38
N GLY B 33 4.46 -2.35 -25.23
CA GLY B 33 5.89 -2.00 -25.41
C GLY B 33 6.84 -2.32 -24.25
N ASP B 34 7.96 -1.60 -24.16
CA ASP B 34 9.03 -1.82 -23.16
C ASP B 34 9.35 -0.51 -22.46
N GLY B 35 10.20 -0.57 -21.42
CA GLY B 35 10.70 0.61 -20.68
C GLY B 35 9.58 1.53 -20.26
N VAL B 36 9.70 2.82 -20.59
CA VAL B 36 8.68 3.85 -20.27
C VAL B 36 7.28 3.45 -20.74
N CYS B 37 7.12 2.91 -21.94
CA CYS B 37 5.82 2.58 -22.51
C CYS B 37 5.13 1.52 -21.63
N LYS B 38 5.90 0.55 -21.13
CA LYS B 38 5.31 -0.53 -20.29
C LYS B 38 4.83 0.11 -18.97
N ALA B 39 5.64 1.01 -18.42
CA ALA B 39 5.33 1.75 -17.17
C ALA B 39 4.05 2.57 -17.35
N VAL B 40 3.91 3.23 -18.50
CA VAL B 40 2.72 4.05 -18.83
C VAL B 40 1.50 3.18 -19.07
N TYR B 41 1.65 2.02 -19.71
CA TYR B 41 0.53 1.11 -19.98
C TYR B 41 -0.03 0.50 -18.68
N LYS B 42 0.82 0.36 -17.66
CA LYS B 42 0.50 -0.26 -16.35
C LYS B 42 -0.40 0.69 -15.53
N LYS B 43 -0.52 1.98 -15.90
CA LYS B 43 -1.42 2.95 -15.20
C LYS B 43 -2.56 3.52 -16.07
N TRP B 44 -2.24 3.91 -17.29
CA TRP B 44 -3.20 4.52 -18.23
C TRP B 44 -3.45 3.62 -19.41
N PRO B 45 -3.78 2.31 -19.19
CA PRO B 45 -4.10 1.46 -20.32
C PRO B 45 -5.17 2.11 -21.17
N GLU B 46 -6.19 2.77 -20.56
CA GLU B 46 -7.26 3.33 -21.42
C GLU B 46 -6.73 4.57 -22.14
N SER B 47 -5.58 5.13 -21.75
CA SER B 47 -4.88 6.11 -22.63
C SER B 47 -4.39 5.44 -23.92
N PHE B 48 -4.37 4.11 -24.04
CA PHE B 48 -3.99 3.47 -25.31
C PHE B 48 -5.15 3.26 -26.28
N LYS B 49 -6.38 3.66 -25.93
CA LYS B 49 -7.51 3.53 -26.86
C LYS B 49 -7.25 4.46 -28.06
N ASN B 50 -7.10 3.87 -29.24
CA ASN B 50 -6.91 4.58 -30.52
C ASN B 50 -5.68 5.49 -30.41
N SER B 51 -4.62 5.05 -29.74
CA SER B 51 -3.38 5.87 -29.59
C SER B 51 -2.42 5.65 -30.78
N ALA B 52 -2.67 4.68 -31.66
CA ALA B 52 -1.75 4.41 -32.80
C ALA B 52 -1.53 5.68 -33.64
N THR B 53 -0.29 6.00 -34.02
CA THR B 53 0.06 7.25 -34.76
C THR B 53 1.40 6.99 -35.44
N PRO B 54 1.72 7.65 -36.56
CA PRO B 54 2.96 7.40 -37.26
C PRO B 54 4.22 7.86 -36.51
N VAL B 55 5.36 7.30 -36.93
CA VAL B 55 6.67 7.77 -36.46
C VAL B 55 6.79 9.27 -36.77
N GLY B 56 7.33 10.02 -35.80
CA GLY B 56 7.58 11.46 -35.95
C GLY B 56 6.37 12.26 -35.56
N THR B 57 5.37 11.63 -34.97
CA THR B 57 4.12 12.33 -34.54
C THR B 57 3.81 12.09 -33.07
N ALA B 58 2.89 12.88 -32.54
CA ALA B 58 2.38 12.73 -31.17
C ALA B 58 0.87 12.77 -31.23
N LYS B 59 0.23 11.90 -30.45
CA LYS B 59 -1.23 11.77 -30.31
C LYS B 59 -1.60 11.82 -28.82
N THR B 60 -2.49 12.74 -28.42
CA THR B 60 -2.88 12.87 -27.00
C THR B 60 -4.21 12.15 -26.77
N VAL B 61 -4.20 11.27 -25.77
CA VAL B 61 -5.43 10.58 -25.31
C VAL B 61 -5.66 11.02 -23.86
N MET B 62 -6.86 11.55 -23.62
CA MET B 62 -7.32 12.07 -22.31
C MET B 62 -7.81 10.90 -21.45
N CYS B 63 -7.24 10.77 -20.26
CA CYS B 63 -7.72 9.87 -19.19
C CYS B 63 -8.39 10.75 -18.14
N GLY B 64 -9.69 11.01 -18.31
CA GLY B 64 -10.39 12.01 -17.50
C GLY B 64 -9.88 13.37 -17.89
N THR B 65 -9.24 14.08 -16.97
CA THR B 65 -8.66 15.41 -17.26
C THR B 65 -7.15 15.32 -17.48
N TYR B 66 -6.55 14.12 -17.33
CA TYR B 66 -5.08 13.89 -17.41
C TYR B 66 -4.68 13.54 -18.85
N PRO B 67 -3.90 14.41 -19.55
CA PRO B 67 -3.39 14.11 -20.89
C PRO B 67 -2.13 13.22 -20.92
N VAL B 68 -2.24 12.15 -21.72
CA VAL B 68 -1.12 11.25 -22.10
C VAL B 68 -0.79 11.54 -23.55
N ILE B 69 0.40 12.10 -23.76
CA ILE B 69 0.89 12.46 -25.12
C ILE B 69 1.78 11.32 -25.65
N HIS B 70 1.25 10.55 -26.56
CA HIS B 70 1.98 9.39 -27.13
C HIS B 70 2.89 9.92 -28.24
N ALA B 71 4.18 9.99 -27.97
CA ALA B 71 5.18 10.52 -28.94
C ALA B 71 5.97 9.34 -29.54
N VAL B 72 5.92 9.23 -30.86
CA VAL B 72 6.56 8.06 -31.54
C VAL B 72 7.93 8.48 -32.10
N GLY B 73 8.99 8.15 -31.39
CA GLY B 73 10.37 8.28 -31.92
C GLY B 73 10.70 7.11 -32.84
N PRO B 74 11.70 7.30 -33.72
CA PRO B 74 12.09 6.25 -34.66
C PRO B 74 12.86 5.15 -33.93
N ASN B 75 12.73 3.93 -34.48
CA ASN B 75 13.59 2.79 -34.10
C ASN B 75 14.83 2.80 -35.02
N PHE B 76 15.98 3.16 -34.48
CA PHE B 76 17.26 3.28 -35.23
C PHE B 76 17.73 1.87 -35.65
N SER B 77 17.10 0.78 -35.22
CA SER B 77 17.34 -0.54 -35.87
C SER B 77 16.82 -0.51 -37.31
N ASN B 78 15.82 0.30 -37.64
CA ASN B 78 15.07 0.30 -38.90
C ASN B 78 15.38 1.52 -39.78
N TYR B 79 15.56 2.69 -39.14
CA TYR B 79 15.83 3.99 -39.81
C TYR B 79 17.35 4.21 -39.93
N THR B 80 17.79 4.83 -41.02
CA THR B 80 19.17 5.29 -41.13
C THR B 80 19.45 6.41 -40.13
N GLU B 81 20.70 6.69 -39.87
CA GLU B 81 21.04 7.82 -38.95
C GLU B 81 20.40 9.10 -39.48
N SER B 82 20.44 9.34 -40.79
CA SER B 82 19.90 10.57 -41.40
C SER B 82 18.39 10.62 -41.21
N GLU B 83 17.67 9.58 -41.60
CA GLU B 83 16.19 9.60 -41.61
C GLU B 83 15.68 9.57 -40.16
N GLY B 84 16.35 8.84 -39.30
CA GLY B 84 16.03 8.77 -37.86
C GLY B 84 16.22 10.11 -37.20
N ASP B 85 17.28 10.81 -37.53
CA ASP B 85 17.52 12.11 -36.84
C ASP B 85 16.36 13.05 -37.16
N ARG B 86 15.85 13.03 -38.39
CA ARG B 86 14.78 13.96 -38.80
C ARG B 86 13.50 13.56 -38.05
N GLU B 87 13.19 12.26 -37.96
CA GLU B 87 11.92 11.78 -37.34
C GLU B 87 11.97 12.04 -35.84
N LEU B 88 13.14 11.95 -35.22
CA LEU B 88 13.29 12.18 -33.76
C LEU B 88 13.06 13.67 -33.48
N ALA B 89 13.62 14.56 -34.29
CA ALA B 89 13.34 16.01 -34.18
C ALA B 89 11.84 16.26 -34.33
N ALA B 90 11.20 15.62 -35.31
CA ALA B 90 9.78 15.82 -35.64
C ALA B 90 8.90 15.42 -34.44
N ALA B 91 9.19 14.28 -33.80
CA ALA B 91 8.36 13.78 -32.69
C ALA B 91 8.40 14.81 -31.59
N TYR B 92 9.57 15.37 -31.27
CA TYR B 92 9.65 16.37 -30.19
C TYR B 92 8.91 17.66 -30.64
N ARG B 93 9.02 18.07 -31.88
CA ARG B 93 8.27 19.26 -32.33
C ARG B 93 6.77 19.07 -32.11
N GLU B 94 6.24 17.86 -32.37
N GLU B 94 6.25 17.86 -32.36
CA GLU B 94 4.79 17.58 -32.16
CA GLU B 94 4.80 17.58 -32.18
C GLU B 94 4.46 17.59 -30.66
C GLU B 94 4.46 17.56 -30.68
N VAL B 95 5.38 17.12 -29.81
CA VAL B 95 5.19 17.19 -28.34
C VAL B 95 5.03 18.68 -27.94
N ALA B 96 5.87 19.57 -28.44
CA ALA B 96 5.81 21.00 -28.06
C ALA B 96 4.47 21.60 -28.46
N LYS B 97 3.98 21.31 -29.67
CA LYS B 97 2.65 21.76 -30.16
C LYS B 97 1.56 21.23 -29.22
N GLU B 98 1.59 19.96 -28.84
CA GLU B 98 0.54 19.40 -27.95
C GLU B 98 0.59 20.06 -26.58
N VAL B 99 1.75 20.16 -25.95
CA VAL B 99 1.91 20.79 -24.62
C VAL B 99 1.32 22.21 -24.72
N THR B 100 1.60 22.92 -25.80
CA THR B 100 1.10 24.32 -25.99
C THR B 100 -0.42 24.26 -26.08
N ARG B 101 -0.95 23.40 -26.93
CA ARG B 101 -2.41 23.31 -27.16
C ARG B 101 -3.14 23.01 -25.85
N LEU B 102 -2.60 22.15 -25.00
CA LEU B 102 -3.25 21.63 -23.78
C LEU B 102 -3.29 22.72 -22.71
N GLY B 103 -2.39 23.70 -22.78
CA GLY B 103 -2.35 24.79 -21.80
C GLY B 103 -1.84 24.39 -20.45
N VAL B 104 -1.16 23.25 -20.32
CA VAL B 104 -0.53 22.77 -19.07
C VAL B 104 0.58 23.72 -18.66
N ASN B 105 0.87 23.76 -17.37
CA ASN B 105 1.98 24.53 -16.78
C ASN B 105 3.19 23.63 -16.53
N SER B 106 3.05 22.30 -16.66
CA SER B 106 4.18 21.35 -16.47
C SER B 106 3.91 20.08 -17.31
N VAL B 107 5.01 19.39 -17.60
CA VAL B 107 5.02 18.16 -18.45
C VAL B 107 6.23 17.31 -18.03
N ALA B 108 5.99 16.01 -17.87
CA ALA B 108 6.98 14.95 -17.64
C ALA B 108 7.33 14.33 -18.99
N ILE B 109 8.62 14.31 -19.33
N ILE B 109 8.63 14.36 -19.34
CA ILE B 109 9.04 13.83 -20.68
CA ILE B 109 9.15 13.93 -20.68
C ILE B 109 10.26 12.92 -20.53
C ILE B 109 10.24 12.88 -20.46
N PRO B 110 10.25 11.74 -21.21
CA PRO B 110 11.41 10.85 -21.25
C PRO B 110 12.27 11.20 -22.47
N LEU B 111 13.47 10.63 -22.57
CA LEU B 111 14.34 10.80 -23.77
C LEU B 111 13.94 9.77 -24.83
N LEU B 112 13.24 10.23 -25.85
CA LEU B 112 12.80 9.39 -26.99
C LEU B 112 14.00 8.77 -27.71
N SER B 113 13.78 7.52 -28.09
CA SER B 113 14.69 6.69 -28.93
C SER B 113 16.01 6.36 -28.17
N THR B 114 16.04 6.38 -26.83
CA THR B 114 17.29 6.10 -26.06
C THR B 114 17.29 4.68 -25.48
N GLY B 115 16.20 3.95 -25.55
CA GLY B 115 16.13 2.58 -24.97
C GLY B 115 16.18 1.53 -26.07
N VAL B 116 15.15 0.70 -26.19
CA VAL B 116 15.12 -0.38 -27.22
C VAL B 116 15.03 0.19 -28.63
N TYR B 117 14.72 1.46 -28.85
CA TYR B 117 14.77 2.08 -30.21
C TYR B 117 16.14 2.72 -30.52
N SER B 118 17.16 2.61 -29.66
CA SER B 118 18.49 3.26 -29.86
C SER B 118 19.34 2.59 -30.95
N GLY B 119 19.02 1.35 -31.35
CA GLY B 119 19.87 0.64 -32.31
C GLY B 119 21.23 0.34 -31.70
N GLY B 120 21.29 0.20 -30.37
CA GLY B 120 22.50 -0.15 -29.59
C GLY B 120 23.49 1.00 -29.45
N LYS B 121 23.09 2.26 -29.67
CA LYS B 121 23.96 3.45 -29.56
C LYS B 121 23.50 4.31 -28.37
N ASP B 122 24.46 4.96 -27.71
CA ASP B 122 24.23 5.99 -26.66
C ASP B 122 23.68 7.25 -27.34
N ARG B 123 22.39 7.57 -27.13
CA ARG B 123 21.76 8.73 -27.83
C ARG B 123 21.35 9.83 -26.85
N LEU B 124 21.96 9.90 -25.67
CA LEU B 124 21.50 10.88 -24.64
C LEU B 124 21.62 12.28 -25.25
N THR B 125 22.79 12.64 -25.77
CA THR B 125 23.09 14.01 -26.26
C THR B 125 22.15 14.30 -27.44
N GLN B 126 22.02 13.38 -28.38
CA GLN B 126 21.16 13.56 -29.58
C GLN B 126 19.72 13.81 -29.14
N SER B 127 19.19 12.96 -28.30
CA SER B 127 17.76 13.03 -27.91
C SER B 127 17.53 14.28 -27.06
N LEU B 128 18.43 14.60 -26.13
CA LEU B 128 18.31 15.81 -25.29
C LEU B 128 18.37 17.06 -26.17
N ASN B 129 19.23 17.09 -27.18
CA ASN B 129 19.38 18.27 -28.10
C ASN B 129 18.03 18.51 -28.79
N HIS B 130 17.39 17.45 -29.31
CA HIS B 130 16.10 17.61 -30.01
C HIS B 130 14.98 18.00 -29.03
N LEU B 131 15.05 17.53 -27.79
CA LEU B 131 14.06 17.91 -26.74
C LEU B 131 14.18 19.42 -26.47
N PHE B 132 15.39 19.90 -26.26
CA PHE B 132 15.63 21.34 -26.05
C PHE B 132 15.15 22.11 -27.27
N THR B 133 15.53 21.71 -28.49
CA THR B 133 15.19 22.53 -29.70
C THR B 133 13.67 22.73 -29.76
N ALA B 134 12.89 21.70 -29.44
CA ALA B 134 11.43 21.78 -29.49
C ALA B 134 10.90 22.55 -28.29
N MET B 135 11.38 22.26 -27.09
CA MET B 135 10.65 22.70 -25.88
C MET B 135 11.12 24.09 -25.47
N ASP B 136 12.22 24.62 -26.01
CA ASP B 136 12.81 25.90 -25.53
C ASP B 136 11.78 27.02 -25.66
N SER B 137 10.98 27.00 -26.72
CA SER B 137 10.03 28.10 -27.03
C SER B 137 8.73 27.94 -26.25
N THR B 138 8.54 26.85 -25.49
CA THR B 138 7.32 26.63 -24.67
C THR B 138 7.55 27.22 -23.26
N ASP B 139 6.48 27.55 -22.52
CA ASP B 139 6.63 28.10 -21.15
C ASP B 139 6.21 27.11 -20.08
N ALA B 140 5.97 25.83 -20.42
CA ALA B 140 5.71 24.81 -19.40
C ALA B 140 6.99 24.49 -18.62
N ASP B 141 6.85 24.19 -17.32
CA ASP B 141 7.94 23.56 -16.57
C ASP B 141 8.15 22.15 -17.11
N VAL B 142 9.36 21.86 -17.57
CA VAL B 142 9.66 20.53 -18.18
C VAL B 142 10.48 19.73 -17.17
N VAL B 143 10.00 18.52 -16.87
CA VAL B 143 10.67 17.57 -15.98
C VAL B 143 11.05 16.35 -16.84
N ILE B 144 12.35 16.18 -17.02
CA ILE B 144 12.95 15.06 -17.80
C ILE B 144 13.17 13.87 -16.87
N TYR B 145 12.65 12.70 -17.26
CA TYR B 145 12.77 11.47 -16.46
C TYR B 145 13.81 10.56 -17.09
N CYS B 146 14.64 9.96 -16.25
CA CYS B 146 15.63 8.93 -16.64
C CYS B 146 15.71 7.89 -15.51
N ARG B 147 16.43 6.80 -15.77
CA ARG B 147 16.62 5.73 -14.75
C ARG B 147 18.09 5.57 -14.33
N ASP B 148 19.03 5.81 -15.25
CA ASP B 148 20.47 5.60 -15.01
C ASP B 148 21.05 6.81 -14.25
N LYS B 149 21.86 6.54 -13.22
CA LYS B 149 22.49 7.59 -12.39
C LYS B 149 23.53 8.38 -13.17
N GLU B 150 24.28 7.75 -14.08
CA GLU B 150 25.27 8.48 -14.93
C GLU B 150 24.49 9.40 -15.89
N TRP B 151 23.35 8.93 -16.39
CA TRP B 151 22.51 9.75 -17.32
C TRP B 151 21.95 10.96 -16.57
N GLU B 152 21.41 10.76 -15.37
CA GLU B 152 20.89 11.87 -14.52
C GLU B 152 21.97 12.96 -14.40
N LYS B 153 23.21 12.59 -14.07
CA LYS B 153 24.32 13.55 -13.93
C LYS B 153 24.54 14.30 -15.26
N LYS B 154 24.60 13.61 -16.40
CA LYS B 154 24.89 14.25 -17.71
C LYS B 154 23.73 15.18 -18.09
N ILE B 155 22.49 14.79 -17.85
CA ILE B 155 21.28 15.63 -18.18
C ILE B 155 21.29 16.87 -17.28
N SER B 156 21.43 16.66 -15.98
CA SER B 156 21.57 17.78 -15.00
C SER B 156 22.69 18.72 -15.43
N GLU B 157 23.86 18.20 -15.81
CA GLU B 157 25.01 19.05 -16.25
C GLU B 157 24.57 19.88 -17.46
N ALA B 158 23.96 19.23 -18.45
CA ALA B 158 23.56 19.88 -19.72
C ALA B 158 22.57 21.01 -19.40
N ILE B 159 21.63 20.82 -18.47
CA ILE B 159 20.62 21.86 -18.10
C ILE B 159 21.36 23.07 -17.50
N GLN B 160 22.21 22.81 -16.50
CA GLN B 160 22.92 23.87 -15.72
C GLN B 160 23.85 24.70 -16.62
N MET B 161 24.42 24.07 -17.66
CA MET B 161 25.42 24.67 -18.57
C MET B 161 24.81 25.82 -19.38
N ARG B 162 23.49 25.84 -19.58
CA ARG B 162 22.83 26.74 -20.56
C ARG B 162 22.40 28.03 -19.85
N THR B 163 22.32 27.99 -18.52
CA THR B 163 21.68 28.96 -17.62
C THR B 163 22.77 29.66 -16.78
N GLY C 1 13.79 1.12 24.53
CA GLY C 1 12.27 1.23 24.53
C GLY C 1 11.77 2.19 25.59
N ALA C 2 10.64 2.86 25.35
CA ALA C 2 9.90 3.59 26.41
C ALA C 2 9.40 2.58 27.44
N MET C 3 9.44 2.93 28.74
CA MET C 3 8.98 2.00 29.83
C MET C 3 7.51 1.58 29.63
N ALA C 4 6.66 2.48 29.14
CA ALA C 4 5.22 2.23 28.88
C ALA C 4 4.87 2.90 27.56
N PRO C 5 5.24 2.29 26.41
CA PRO C 5 5.09 2.92 25.10
C PRO C 5 3.68 3.49 24.91
N SER C 6 3.59 4.74 24.46
CA SER C 6 2.31 5.48 24.30
C SER C 6 2.18 6.15 22.93
N TYR C 7 0.97 6.61 22.66
CA TYR C 7 0.64 7.57 21.59
C TYR C 7 0.15 8.89 22.20
N ARG C 8 0.60 10.02 21.64
CA ARG C 8 0.10 11.35 22.04
C ARG C 8 -0.08 12.15 20.75
N VAL C 9 -0.91 13.18 20.80
CA VAL C 9 -1.02 14.14 19.71
C VAL C 9 -0.77 15.55 20.25
N LYS C 10 -0.07 16.34 19.44
CA LYS C 10 0.21 17.76 19.72
C LYS C 10 -0.17 18.60 18.49
N ARG C 11 -0.86 19.72 18.74
CA ARG C 11 -1.09 20.75 17.71
C ARG C 11 0.05 21.78 17.78
N MET C 12 1.08 21.63 16.95
CA MET C 12 2.37 22.32 17.16
C MET C 12 3.23 22.09 15.92
N ASP C 13 4.16 22.99 15.62
CA ASP C 13 5.16 22.85 14.54
C ASP C 13 6.07 21.64 14.84
N ILE C 14 6.10 20.66 13.93
CA ILE C 14 6.90 19.42 14.15
C ILE C 14 8.38 19.81 14.15
N ALA C 15 8.74 20.97 13.58
CA ALA C 15 10.16 21.38 13.55
C ALA C 15 10.65 21.78 14.94
N LYS C 16 9.73 21.93 15.90
N LYS C 16 9.75 21.96 15.92
CA LYS C 16 10.00 22.28 17.32
CA LYS C 16 10.11 22.26 17.32
C LYS C 16 9.68 21.09 18.24
C LYS C 16 9.68 21.10 18.23
N ASN C 17 9.65 19.87 17.71
CA ASN C 17 9.34 18.68 18.51
C ASN C 17 10.29 18.44 19.70
N ASP C 18 9.83 17.69 20.69
CA ASP C 18 10.56 17.28 21.92
C ASP C 18 10.90 15.79 21.92
N GLU C 19 11.03 15.18 20.73
CA GLU C 19 11.36 13.76 20.62
C GLU C 19 12.78 13.51 20.08
N GLU C 20 13.19 12.25 20.12
CA GLU C 20 14.61 11.82 19.80
C GLU C 20 14.85 11.76 18.29
N CYS C 21 13.81 11.78 17.47
CA CYS C 21 13.93 11.83 16.00
C CYS C 21 12.62 12.33 15.37
N VAL C 22 12.68 12.72 14.11
CA VAL C 22 11.54 13.32 13.37
C VAL C 22 11.32 12.53 12.08
N VAL C 23 10.06 12.37 11.72
CA VAL C 23 9.63 11.91 10.37
C VAL C 23 9.28 13.10 9.52
N ASN C 24 9.97 13.21 8.37
CA ASN C 24 9.67 14.24 7.36
C ASN C 24 8.65 13.66 6.37
N ALA C 25 7.59 14.37 6.07
CA ALA C 25 6.69 14.01 4.95
C ALA C 25 7.36 14.45 3.64
N ALA C 26 8.19 13.58 3.12
CA ALA C 26 9.16 13.85 2.03
C ALA C 26 8.55 13.66 0.64
N ASN C 27 9.30 14.13 -0.36
CA ASN C 27 9.02 13.91 -1.80
C ASN C 27 10.12 13.01 -2.32
N PRO C 28 9.86 12.21 -3.37
CA PRO C 28 10.84 11.23 -3.81
C PRO C 28 12.20 11.83 -4.25
N ARG C 29 12.26 13.10 -4.61
CA ARG C 29 13.50 13.73 -5.15
C ARG C 29 14.37 14.25 -4.00
N GLY C 30 13.81 14.39 -2.79
CA GLY C 30 14.58 14.91 -1.67
C GLY C 30 14.73 16.41 -1.75
N LEU C 31 13.71 17.10 -2.29
CA LEU C 31 13.65 18.58 -2.38
C LEU C 31 12.97 19.16 -1.13
N PRO C 32 13.32 20.41 -0.78
CA PRO C 32 12.65 21.16 0.28
C PRO C 32 11.12 21.15 0.24
N GLY C 33 10.50 21.21 -0.94
CA GLY C 33 9.02 21.11 -1.04
C GLY C 33 8.30 22.23 -0.30
N ASP C 34 7.11 21.91 0.22
CA ASP C 34 6.21 22.88 0.92
C ASP C 34 5.73 22.26 2.25
N GLY C 35 4.92 23.00 3.01
CA GLY C 35 4.30 22.53 4.27
C GLY C 35 5.34 22.10 5.29
N VAL C 36 5.15 20.92 5.90
CA VAL C 36 6.07 20.36 6.94
C VAL C 36 7.45 20.10 6.30
N CYS C 37 7.48 19.66 5.03
CA CYS C 37 8.76 19.41 4.30
C CYS C 37 9.63 20.68 4.27
N LYS C 38 9.03 21.86 4.13
CA LYS C 38 9.73 23.18 4.08
C LYS C 38 10.25 23.57 5.48
N ALA C 39 9.37 23.57 6.50
CA ALA C 39 9.75 23.84 7.90
C ALA C 39 10.85 22.85 8.35
N VAL C 40 10.78 21.60 7.89
CA VAL C 40 11.76 20.54 8.22
C VAL C 40 13.09 20.92 7.53
N TYR C 41 13.01 21.38 6.29
CA TYR C 41 14.20 21.78 5.50
C TYR C 41 14.84 22.99 6.19
N LYS C 42 14.06 23.93 6.69
CA LYS C 42 14.64 25.14 7.35
C LYS C 42 15.31 24.74 8.67
N LYS C 43 14.74 23.80 9.44
CA LYS C 43 15.32 23.34 10.74
C LYS C 43 16.53 22.41 10.55
N TRP C 44 16.50 21.48 9.60
CA TRP C 44 17.52 20.41 9.45
C TRP C 44 17.99 20.29 8.01
N PRO C 45 18.50 21.39 7.41
CA PRO C 45 18.82 21.37 5.97
C PRO C 45 19.87 20.32 5.63
N GLU C 46 20.82 20.05 6.53
CA GLU C 46 21.90 19.06 6.32
C GLU C 46 21.33 17.63 6.13
N SER C 47 20.12 17.38 6.62
CA SER C 47 19.49 16.04 6.45
C SER C 47 18.98 15.81 5.02
N PHE C 48 18.98 16.84 4.15
CA PHE C 48 18.50 16.72 2.74
C PHE C 48 19.62 16.31 1.76
N LYS C 49 20.83 16.07 2.29
CA LYS C 49 21.97 15.51 1.50
C LYS C 49 21.66 14.06 1.12
N ASN C 50 21.41 13.81 -0.19
CA ASN C 50 21.14 12.45 -0.71
C ASN C 50 19.96 11.80 0.05
N SER C 51 18.90 12.58 0.27
CA SER C 51 17.66 12.14 0.98
C SER C 51 16.69 11.46 0.01
N ALA C 52 16.89 11.63 -1.31
CA ALA C 52 15.99 11.01 -2.32
C ALA C 52 15.70 9.55 -2.00
N THR C 53 14.43 9.14 -2.08
CA THR C 53 14.00 7.77 -1.81
C THR C 53 12.66 7.55 -2.50
N PRO C 54 12.38 6.33 -3.02
CA PRO C 54 11.14 6.09 -3.76
C PRO C 54 9.86 6.22 -2.93
N VAL C 55 8.76 6.46 -3.64
CA VAL C 55 7.40 6.41 -3.04
C VAL C 55 7.26 5.07 -2.31
N GLY C 56 6.67 5.11 -1.11
CA GLY C 56 6.47 3.88 -0.33
C GLY C 56 7.65 3.47 0.53
N THR C 57 8.68 4.30 0.62
CA THR C 57 9.90 3.97 1.40
C THR C 57 10.24 5.10 2.37
N ALA C 58 11.22 4.83 3.23
CA ALA C 58 11.75 5.84 4.17
C ALA C 58 13.26 5.70 4.19
N LYS C 59 13.96 6.83 4.26
CA LYS C 59 15.44 6.93 4.28
C LYS C 59 15.84 7.89 5.41
N THR C 60 16.69 7.45 6.34
CA THR C 60 17.16 8.31 7.45
C THR C 60 18.45 9.03 7.04
N VAL C 61 18.50 10.34 7.25
CA VAL C 61 19.76 11.13 7.15
C VAL C 61 19.92 11.90 8.44
N MET C 62 21.12 11.82 9.02
CA MET C 62 21.44 12.59 10.25
C MET C 62 21.66 14.06 9.93
N CYS C 63 21.17 14.93 10.80
CA CYS C 63 21.51 16.34 10.94
C CYS C 63 22.32 16.47 12.23
N GLY C 64 23.66 16.48 12.13
CA GLY C 64 24.50 16.28 13.33
C GLY C 64 24.35 14.85 13.81
N THR C 65 23.80 14.62 15.01
CA THR C 65 23.42 13.25 15.45
C THR C 65 21.87 13.09 15.49
N TYR C 66 21.12 14.09 15.08
CA TYR C 66 19.64 14.07 15.20
C TYR C 66 19.07 13.40 13.93
N PRO C 67 18.40 12.21 14.04
CA PRO C 67 17.92 11.51 12.85
C PRO C 67 16.66 12.18 12.29
N VAL C 68 16.69 12.42 10.97
CA VAL C 68 15.52 12.80 10.15
C VAL C 68 15.15 11.63 9.23
N ILE C 69 13.96 11.05 9.42
CA ILE C 69 13.46 9.88 8.68
C ILE C 69 12.60 10.42 7.55
N HIS C 70 13.11 10.43 6.30
CA HIS C 70 12.36 10.98 5.15
C HIS C 70 11.42 9.88 4.67
N ALA C 71 10.12 10.01 4.89
CA ALA C 71 9.10 9.00 4.53
C ALA C 71 8.31 9.55 3.36
N VAL C 72 8.27 8.77 2.27
CA VAL C 72 7.60 9.22 1.02
C VAL C 72 6.25 8.50 0.90
N GLY C 73 5.19 9.18 1.35
CA GLY C 73 3.83 8.71 1.07
C GLY C 73 3.47 9.04 -0.37
N PRO C 74 2.46 8.33 -0.91
CA PRO C 74 1.99 8.62 -2.25
C PRO C 74 1.25 9.95 -2.33
N ASN C 75 1.35 10.60 -3.49
CA ASN C 75 0.52 11.77 -3.83
C ASN C 75 -0.76 11.26 -4.50
N PHE C 76 -1.89 11.42 -3.81
CA PHE C 76 -3.18 10.89 -4.31
C PHE C 76 -3.74 11.70 -5.48
N SER C 77 -3.12 12.82 -5.87
CA SER C 77 -3.46 13.52 -7.16
C SER C 77 -3.01 12.65 -8.33
N ASN C 78 -2.06 11.76 -8.09
CA ASN C 78 -1.29 10.97 -9.09
C ASN C 78 -1.72 9.49 -8.99
N TYR C 79 -1.97 9.02 -7.77
CA TYR C 79 -2.14 7.58 -7.46
C TYR C 79 -3.63 7.28 -7.38
N THR C 80 -4.07 6.14 -7.85
CA THR C 80 -5.47 5.70 -7.61
C THR C 80 -5.68 5.43 -6.11
N GLU C 81 -6.91 5.30 -5.69
CA GLU C 81 -7.21 4.93 -4.28
C GLU C 81 -6.58 3.58 -3.98
N SER C 82 -6.70 2.60 -4.88
CA SER C 82 -6.15 1.25 -4.64
C SER C 82 -4.63 1.27 -4.50
N GLU C 83 -3.92 1.84 -5.49
CA GLU C 83 -2.44 1.77 -5.51
C GLU C 83 -1.88 2.65 -4.37
N GLY C 84 -2.53 3.78 -4.13
CA GLY C 84 -2.09 4.73 -3.09
C GLY C 84 -2.24 4.14 -1.72
N ASP C 85 -3.32 3.40 -1.48
CA ASP C 85 -3.53 2.79 -0.15
C ASP C 85 -2.37 1.84 0.17
N ARG C 86 -1.93 1.03 -0.78
CA ARG C 86 -0.81 0.07 -0.53
C ARG C 86 0.48 0.86 -0.26
N GLU C 87 0.76 1.90 -1.05
CA GLU C 87 2.03 2.66 -0.91
C GLU C 87 2.03 3.44 0.43
N LEU C 88 0.89 3.93 0.88
CA LEU C 88 0.80 4.65 2.18
C LEU C 88 1.10 3.67 3.32
N ALA C 89 0.49 2.49 3.28
CA ALA C 89 0.77 1.42 4.26
C ALA C 89 2.28 1.11 4.27
N ALA C 90 2.93 0.99 3.09
CA ALA C 90 4.33 0.59 2.99
C ALA C 90 5.22 1.71 3.57
N ALA C 91 4.92 2.98 3.30
CA ALA C 91 5.72 4.12 3.83
C ALA C 91 5.74 4.02 5.35
N TYR C 92 4.59 3.79 5.97
CA TYR C 92 4.57 3.69 7.44
C TYR C 92 5.34 2.47 7.96
N ARG C 93 5.26 1.32 7.27
N ARG C 93 5.27 1.32 7.29
CA ARG C 93 6.02 0.11 7.70
CA ARG C 93 6.03 0.12 7.71
C ARG C 93 7.52 0.42 7.65
C ARG C 93 7.52 0.44 7.66
N GLU C 94 7.96 1.20 6.64
CA GLU C 94 9.38 1.58 6.55
C GLU C 94 9.74 2.58 7.68
N VAL C 95 8.81 3.45 8.10
CA VAL C 95 9.10 4.35 9.26
C VAL C 95 9.30 3.47 10.51
N ALA C 96 8.44 2.48 10.73
CA ALA C 96 8.57 1.55 11.88
C ALA C 96 9.94 0.87 11.86
N LYS C 97 10.39 0.37 10.71
CA LYS C 97 11.72 -0.27 10.58
C LYS C 97 12.83 0.74 10.96
N GLU C 98 12.75 1.96 10.42
CA GLU C 98 13.80 2.98 10.68
C GLU C 98 13.82 3.37 12.15
N VAL C 99 12.67 3.61 12.77
CA VAL C 99 12.63 3.92 14.23
C VAL C 99 13.27 2.78 15.04
N THR C 100 12.97 1.53 14.71
CA THR C 100 13.49 0.31 15.39
C THR C 100 15.03 0.26 15.21
N ARG C 101 15.48 0.45 13.99
CA ARG C 101 16.93 0.39 13.63
C ARG C 101 17.67 1.42 14.49
N LEU C 102 17.11 2.61 14.63
CA LEU C 102 17.80 3.74 15.31
C LEU C 102 17.90 3.54 16.83
N GLY C 103 17.04 2.70 17.43
CA GLY C 103 17.04 2.46 18.88
C GLY C 103 16.47 3.63 19.69
N VAL C 104 15.79 4.57 19.06
CA VAL C 104 15.20 5.75 19.75
C VAL C 104 14.06 5.32 20.70
N ASN C 105 13.84 6.12 21.75
CA ASN C 105 12.72 5.85 22.68
C ASN C 105 11.51 6.72 22.32
N SER C 106 11.63 7.62 21.35
CA SER C 106 10.50 8.50 20.93
C SER C 106 10.73 8.99 19.51
N VAL C 107 9.63 9.34 18.87
CA VAL C 107 9.57 9.80 17.47
C VAL C 107 8.40 10.79 17.30
N ALA C 108 8.65 11.87 16.59
CA ALA C 108 7.68 12.88 16.16
C ALA C 108 7.27 12.54 14.73
N ILE C 109 5.96 12.36 14.49
N ILE C 109 5.97 12.45 14.45
CA ILE C 109 5.41 11.89 13.17
CA ILE C 109 5.49 11.92 13.14
C ILE C 109 4.28 12.81 12.73
C ILE C 109 4.26 12.71 12.70
N PRO C 110 4.22 13.16 11.43
CA PRO C 110 3.03 13.80 10.85
C PRO C 110 2.13 12.73 10.19
N LEU C 111 0.88 13.05 9.88
CA LEU C 111 0.05 12.09 9.10
C LEU C 111 0.42 12.19 7.62
N LEU C 112 1.04 11.15 7.10
CA LEU C 112 1.49 11.09 5.69
C LEU C 112 0.29 11.16 4.75
N SER C 113 0.50 11.75 3.58
CA SER C 113 -0.44 11.80 2.43
C SER C 113 -1.69 12.63 2.76
N THR C 114 -1.63 13.47 3.78
CA THR C 114 -2.65 14.53 4.06
C THR C 114 -2.11 15.82 3.43
N GLY C 115 -2.80 16.95 3.55
CA GLY C 115 -2.29 18.20 2.92
C GLY C 115 -2.05 17.99 1.43
N VAL C 116 -0.89 18.41 0.89
CA VAL C 116 -0.79 18.57 -0.59
C VAL C 116 -0.75 17.23 -1.32
N TYR C 117 -0.46 16.12 -0.64
CA TYR C 117 -0.50 14.76 -1.27
C TYR C 117 -1.87 14.06 -1.09
N SER C 118 -2.87 14.75 -0.52
CA SER C 118 -4.20 14.15 -0.23
C SER C 118 -5.07 14.01 -1.49
N GLY C 119 -4.72 14.70 -2.57
CA GLY C 119 -5.60 14.76 -3.76
C GLY C 119 -6.93 15.41 -3.44
N GLY C 120 -6.99 16.29 -2.45
CA GLY C 120 -8.20 17.04 -2.03
C GLY C 120 -9.19 16.25 -1.19
N LYS C 121 -8.83 15.09 -0.62
CA LYS C 121 -9.75 14.25 0.18
C LYS C 121 -9.31 14.30 1.66
N ASP C 122 -10.23 14.14 2.58
CA ASP C 122 -9.95 14.06 4.04
C ASP C 122 -9.41 12.65 4.33
N ARG C 123 -8.10 12.52 4.61
CA ARG C 123 -7.44 11.20 4.80
C ARG C 123 -7.00 11.01 6.26
N LEU C 124 -7.60 11.72 7.21
CA LEU C 124 -7.22 11.54 8.64
C LEU C 124 -7.31 10.08 9.09
N THR C 125 -8.49 9.46 8.96
CA THR C 125 -8.72 8.09 9.45
C THR C 125 -7.82 7.14 8.69
N GLN C 126 -7.75 7.28 7.37
CA GLN C 126 -6.94 6.35 6.54
C GLN C 126 -5.47 6.40 6.99
N SER C 127 -4.92 7.61 7.03
CA SER C 127 -3.49 7.81 7.37
C SER C 127 -3.22 7.33 8.80
N LEU C 128 -4.09 7.70 9.77
CA LEU C 128 -3.90 7.31 11.17
C LEU C 128 -4.00 5.78 11.32
N ASN C 129 -4.95 5.15 10.63
CA ASN C 129 -5.10 3.66 10.60
C ASN C 129 -3.75 3.04 10.20
N HIS C 130 -3.17 3.48 9.09
CA HIS C 130 -1.89 2.91 8.60
C HIS C 130 -0.77 3.18 9.62
N LEU C 131 -0.77 4.34 10.26
CA LEU C 131 0.25 4.69 11.27
C LEU C 131 0.18 3.69 12.42
N PHE C 132 -1.01 3.46 12.95
CA PHE C 132 -1.15 2.49 14.07
C PHE C 132 -0.76 1.09 13.61
N THR C 133 -1.18 0.64 12.40
CA THR C 133 -0.86 -0.72 11.92
C THR C 133 0.66 -0.93 11.94
N ALA C 134 1.43 0.09 11.55
CA ALA C 134 2.90 -0.02 11.50
C ALA C 134 3.55 0.18 12.88
N MET C 135 3.06 1.13 13.68
CA MET C 135 3.78 1.58 14.91
C MET C 135 3.35 0.77 16.15
N ASP C 136 2.23 0.03 16.08
CA ASP C 136 1.72 -0.66 17.29
C ASP C 136 2.75 -1.67 17.80
N SER C 137 3.55 -2.31 16.91
CA SER C 137 4.54 -3.32 17.34
C SER C 137 5.88 -2.70 17.77
N THR C 138 6.04 -1.40 17.68
CA THR C 138 7.22 -0.67 18.20
C THR C 138 7.06 -0.25 19.64
N ASP C 139 8.18 -0.04 20.33
CA ASP C 139 8.17 0.35 21.77
C ASP C 139 8.57 1.81 21.95
N ALA C 140 8.61 2.59 20.88
CA ALA C 140 8.92 4.03 21.01
C ALA C 140 7.67 4.79 21.43
N ASP C 141 7.83 5.85 22.23
CA ASP C 141 6.76 6.85 22.40
C ASP C 141 6.53 7.56 21.06
N VAL C 142 5.32 7.52 20.55
CA VAL C 142 4.96 8.18 19.28
C VAL C 142 4.20 9.45 19.58
N VAL C 143 4.64 10.57 19.05
CA VAL C 143 3.95 11.86 19.20
C VAL C 143 3.54 12.36 17.81
N ILE C 144 2.24 12.47 17.56
CA ILE C 144 1.69 12.87 16.24
C ILE C 144 1.53 14.38 16.25
N TYR C 145 1.99 15.04 15.21
CA TYR C 145 1.92 16.52 15.11
C TYR C 145 0.90 16.91 14.05
N CYS C 146 0.01 17.83 14.41
CA CYS C 146 -0.97 18.39 13.45
C CYS C 146 -1.09 19.92 13.65
N ARG C 147 -1.85 20.55 12.77
CA ARG C 147 -2.01 22.03 12.78
C ARG C 147 -3.45 22.46 13.03
N ASP C 148 -4.41 21.60 12.71
CA ASP C 148 -5.87 21.90 12.69
C ASP C 148 -6.48 21.48 14.03
N LYS C 149 -7.23 22.38 14.69
CA LYS C 149 -7.86 22.04 16.00
C LYS C 149 -8.88 20.89 15.85
N GLU C 150 -9.65 20.79 14.77
CA GLU C 150 -10.63 19.67 14.62
C GLU C 150 -9.89 18.32 14.44
N TRP C 151 -8.78 18.35 13.71
CA TRP C 151 -7.91 17.15 13.52
C TRP C 151 -7.31 16.75 14.87
N GLU C 152 -6.83 17.71 15.66
CA GLU C 152 -6.26 17.37 16.99
C GLU C 152 -7.32 16.60 17.80
N LYS C 153 -8.56 17.06 17.83
CA LYS C 153 -9.62 16.42 18.64
C LYS C 153 -9.92 15.00 18.11
N LYS C 154 -10.03 14.84 16.79
CA LYS C 154 -10.33 13.51 16.15
C LYS C 154 -9.17 12.54 16.38
N ILE C 155 -7.93 13.01 16.27
CA ILE C 155 -6.78 12.10 16.54
C ILE C 155 -6.76 11.71 18.02
N SER C 156 -6.96 12.69 18.90
CA SER C 156 -7.00 12.43 20.36
C SER C 156 -8.09 11.39 20.68
N GLU C 157 -9.30 11.51 20.11
CA GLU C 157 -10.39 10.52 20.35
C GLU C 157 -9.98 9.13 19.89
N ALA C 158 -9.37 9.01 18.71
CA ALA C 158 -8.91 7.72 18.15
C ALA C 158 -7.90 7.04 19.08
N ILE C 159 -6.98 7.80 19.66
CA ILE C 159 -5.93 7.24 20.56
C ILE C 159 -6.64 6.76 21.83
N GLN C 160 -7.53 7.57 22.37
CA GLN C 160 -8.18 7.28 23.67
C GLN C 160 -9.12 6.08 23.51
N MET C 161 -9.74 5.88 22.35
CA MET C 161 -10.70 4.77 22.11
C MET C 161 -10.04 3.40 22.35
N ARG C 162 -8.72 3.24 22.20
CA ARG C 162 -8.04 1.91 22.25
C ARG C 162 -7.42 1.63 23.64
N THR C 163 -7.31 2.65 24.51
CA THR C 163 -6.68 2.53 25.85
C THR C 163 -7.73 2.09 26.87
N PRO D 5 13.59 -28.60 34.64
CA PRO D 5 12.17 -28.51 34.22
C PRO D 5 11.78 -29.64 33.26
N SER D 6 10.47 -29.81 33.04
N SER D 6 10.48 -29.93 33.16
CA SER D 6 9.83 -30.88 32.23
CA SER D 6 9.87 -30.89 32.21
C SER D 6 8.94 -30.27 31.15
C SER D 6 9.21 -30.09 31.08
N TYR D 7 9.14 -30.64 29.88
CA TYR D 7 8.49 -29.99 28.72
C TYR D 7 7.43 -30.91 28.13
N ARG D 8 6.27 -30.33 27.80
CA ARG D 8 5.19 -30.96 27.00
C ARG D 8 4.70 -29.96 25.97
N VAL D 9 3.99 -30.44 24.97
CA VAL D 9 3.32 -29.59 23.97
C VAL D 9 1.85 -30.02 23.91
N LYS D 10 0.95 -29.06 23.71
CA LYS D 10 -0.48 -29.27 23.47
C LYS D 10 -0.87 -28.41 22.27
N ARG D 11 -1.71 -28.98 21.41
CA ARG D 11 -2.33 -28.31 20.26
C ARG D 11 -3.72 -27.84 20.70
N MET D 12 -3.78 -26.65 21.30
CA MET D 12 -5.04 -26.12 21.82
C MET D 12 -4.84 -24.67 22.18
N ASP D 13 -5.96 -24.01 22.41
CA ASP D 13 -6.01 -22.56 22.75
C ASP D 13 -5.35 -22.38 24.12
N ILE D 14 -4.30 -21.56 24.20
CA ILE D 14 -3.57 -21.30 25.47
C ILE D 14 -4.51 -20.62 26.48
N ALA D 15 -5.58 -20.00 26.01
CA ALA D 15 -6.60 -19.35 26.89
C ALA D 15 -7.34 -20.43 27.70
N LYS D 16 -7.21 -21.71 27.36
CA LYS D 16 -7.82 -22.86 28.08
C LYS D 16 -6.75 -23.74 28.70
N ASN D 17 -5.59 -23.19 29.05
CA ASN D 17 -4.48 -23.98 29.62
C ASN D 17 -4.84 -24.58 31.00
N ASP D 18 -4.13 -25.63 31.39
CA ASP D 18 -4.24 -26.34 32.68
C ASP D 18 -3.04 -26.06 33.57
N GLU D 19 -2.36 -24.92 33.44
CA GLU D 19 -1.16 -24.58 34.23
C GLU D 19 -1.41 -23.45 35.23
N GLU D 20 -0.48 -23.22 36.16
CA GLU D 20 -0.66 -22.21 37.26
C GLU D 20 -0.51 -20.76 36.78
N CYS D 21 0.00 -20.55 35.56
CA CYS D 21 0.16 -19.19 35.03
C CYS D 21 0.32 -19.26 33.52
N VAL D 22 0.19 -18.12 32.84
CA VAL D 22 0.20 -18.07 31.36
C VAL D 22 1.15 -16.99 30.92
N VAL D 23 1.87 -17.27 29.83
CA VAL D 23 2.67 -16.23 29.12
C VAL D 23 1.86 -15.74 27.91
N ASN D 24 1.63 -14.44 27.86
CA ASN D 24 0.99 -13.75 26.73
C ASN D 24 2.07 -13.40 25.70
N ALA D 25 1.83 -13.70 24.42
CA ALA D 25 2.66 -13.15 23.32
C ALA D 25 2.16 -11.71 23.05
N ALA D 26 2.63 -10.77 23.85
CA ALA D 26 2.09 -9.42 23.97
C ALA D 26 2.68 -8.46 22.95
N ASN D 27 2.04 -7.35 22.76
CA ASN D 27 2.60 -6.20 22.03
C ASN D 27 3.11 -5.21 23.08
N PRO D 28 3.98 -4.28 22.68
CA PRO D 28 4.57 -3.41 23.68
C PRO D 28 3.61 -2.40 24.31
N ARG D 29 2.45 -2.20 23.68
CA ARG D 29 1.52 -1.10 24.06
C ARG D 29 0.42 -1.62 24.99
N GLY D 30 0.39 -2.90 25.26
CA GLY D 30 -0.68 -3.49 26.08
C GLY D 30 -2.01 -3.46 25.37
N LEU D 31 -2.04 -3.48 24.03
CA LEU D 31 -3.29 -3.52 23.24
C LEU D 31 -3.82 -4.94 23.14
N PRO D 32 -5.13 -5.11 22.90
CA PRO D 32 -5.71 -6.44 22.71
C PRO D 32 -5.07 -7.25 21.59
N GLY D 33 -4.68 -6.61 20.47
CA GLY D 33 -3.96 -7.29 19.39
C GLY D 33 -4.80 -8.33 18.65
N ASP D 34 -4.15 -9.39 18.19
CA ASP D 34 -4.75 -10.53 17.44
C ASP D 34 -4.01 -11.82 17.83
N GLY D 35 -4.47 -12.97 17.35
CA GLY D 35 -3.85 -14.28 17.69
C GLY D 35 -3.94 -14.60 19.18
N VAL D 36 -2.85 -15.13 19.73
CA VAL D 36 -2.70 -15.50 21.18
C VAL D 36 -3.13 -14.28 22.01
N CYS D 37 -2.61 -13.10 21.68
CA CYS D 37 -2.83 -11.86 22.45
C CYS D 37 -4.35 -11.59 22.60
N LYS D 38 -5.11 -11.74 21.51
CA LYS D 38 -6.57 -11.42 21.54
C LYS D 38 -7.30 -12.49 22.39
N ALA D 39 -6.90 -13.75 22.29
CA ALA D 39 -7.51 -14.85 23.10
C ALA D 39 -7.23 -14.62 24.60
N VAL D 40 -6.04 -14.12 24.90
CA VAL D 40 -5.60 -13.79 26.28
C VAL D 40 -6.44 -12.59 26.73
N TYR D 41 -6.62 -11.57 25.87
CA TYR D 41 -7.43 -10.40 26.25
C TYR D 41 -8.87 -10.82 26.57
N LYS D 42 -9.45 -11.73 25.80
CA LYS D 42 -10.86 -12.13 26.04
C LYS D 42 -10.99 -12.91 27.35
N LYS D 43 -9.97 -13.70 27.69
CA LYS D 43 -10.00 -14.61 28.87
C LYS D 43 -9.66 -13.84 30.15
N TRP D 44 -8.65 -12.96 30.12
CA TRP D 44 -8.07 -12.31 31.31
C TRP D 44 -7.94 -10.81 31.04
N PRO D 45 -9.04 -10.09 30.69
CA PRO D 45 -8.93 -8.68 30.30
C PRO D 45 -8.35 -7.82 31.43
N GLU D 46 -8.61 -8.16 32.71
CA GLU D 46 -8.13 -7.34 33.84
C GLU D 46 -6.60 -7.33 33.85
N SER D 47 -5.96 -8.34 33.25
CA SER D 47 -4.48 -8.44 33.25
C SER D 47 -3.83 -7.42 32.29
N PHE D 48 -4.61 -6.65 31.53
CA PHE D 48 -4.03 -5.64 30.60
C PHE D 48 -3.96 -4.25 31.28
N LYS D 49 -4.30 -4.15 32.57
CA LYS D 49 -4.11 -2.88 33.31
C LYS D 49 -2.62 -2.59 33.44
N ASN D 50 -2.13 -1.56 32.76
CA ASN D 50 -0.71 -1.16 32.82
C ASN D 50 0.20 -2.35 32.44
N SER D 51 -0.16 -3.07 31.39
CA SER D 51 0.65 -4.20 30.88
C SER D 51 1.68 -3.74 29.85
N ALA D 52 1.63 -2.50 29.37
CA ALA D 52 2.61 -2.01 28.37
C ALA D 52 4.03 -2.16 28.90
N THR D 53 4.98 -2.59 28.06
CA THR D 53 6.36 -2.87 28.48
C THR D 53 7.18 -2.96 27.21
N PRO D 54 8.49 -2.69 27.28
CA PRO D 54 9.29 -2.63 26.07
C PRO D 54 9.50 -4.01 25.44
N VAL D 55 9.95 -3.97 24.20
CA VAL D 55 10.42 -5.21 23.52
C VAL D 55 11.55 -5.82 24.33
N GLY D 56 11.57 -7.15 24.43
CA GLY D 56 12.60 -7.91 25.15
C GLY D 56 12.35 -8.03 26.62
N THR D 57 11.19 -7.59 27.11
CA THR D 57 10.86 -7.58 28.56
C THR D 57 9.59 -8.37 28.82
N ALA D 58 9.39 -8.69 30.09
CA ALA D 58 8.14 -9.36 30.51
C ALA D 58 7.58 -8.60 31.72
N LYS D 59 6.27 -8.44 31.75
CA LYS D 59 5.61 -7.75 32.88
C LYS D 59 4.41 -8.58 33.31
N THR D 60 4.39 -8.96 34.59
CA THR D 60 3.34 -9.85 35.16
C THR D 60 2.25 -8.97 35.77
N VAL D 61 1.02 -9.25 35.36
CA VAL D 61 -0.21 -8.62 35.92
C VAL D 61 -1.15 -9.74 36.29
N MET D 62 -1.71 -9.65 37.50
CA MET D 62 -2.66 -10.67 38.02
C MET D 62 -4.06 -10.43 37.42
N CYS D 63 -4.76 -11.48 37.13
CA CYS D 63 -6.19 -11.47 36.86
C CYS D 63 -6.80 -12.30 38.00
N GLY D 64 -7.36 -11.62 39.01
CA GLY D 64 -7.67 -12.33 40.27
C GLY D 64 -6.37 -12.71 40.93
N THR D 65 -6.11 -14.01 41.12
CA THR D 65 -4.83 -14.51 41.63
C THR D 65 -4.07 -15.26 40.52
N TYR D 66 -4.56 -15.22 39.30
CA TYR D 66 -3.97 -15.96 38.19
C TYR D 66 -2.95 -15.04 37.49
N PRO D 67 -1.64 -15.39 37.46
CA PRO D 67 -0.66 -14.51 36.85
C PRO D 67 -0.61 -14.61 35.32
N VAL D 68 -0.62 -13.44 34.67
CA VAL D 68 -0.46 -13.35 33.20
C VAL D 68 0.87 -12.63 32.98
N ILE D 69 1.86 -13.34 32.39
CA ILE D 69 3.23 -12.82 32.19
C ILE D 69 3.23 -12.25 30.77
N HIS D 70 3.14 -10.93 30.59
CA HIS D 70 3.10 -10.34 29.22
C HIS D 70 4.54 -10.27 28.72
N ALA D 71 4.89 -11.05 27.71
CA ALA D 71 6.27 -11.16 27.18
C ALA D 71 6.29 -10.56 25.77
N VAL D 72 7.13 -9.57 25.55
CA VAL D 72 7.13 -8.81 24.26
C VAL D 72 8.31 -9.29 23.42
N GLY D 73 8.02 -10.18 22.51
CA GLY D 73 9.03 -10.61 21.53
C GLY D 73 9.14 -9.56 20.46
N PRO D 74 10.27 -9.52 19.72
CA PRO D 74 10.43 -8.59 18.64
C PRO D 74 9.56 -8.92 17.43
N ASN D 75 9.11 -7.89 16.73
CA ASN D 75 8.52 -8.03 15.39
C ASN D 75 9.63 -8.05 14.34
N PHE D 76 9.89 -9.20 13.73
CA PHE D 76 10.97 -9.29 12.73
C PHE D 76 10.66 -8.52 11.44
N SER D 77 9.47 -8.00 11.21
CA SER D 77 9.26 -6.94 10.18
C SER D 77 10.06 -5.68 10.48
N ASN D 78 10.32 -5.37 11.77
CA ASN D 78 10.94 -4.10 12.19
C ASN D 78 12.42 -4.28 12.49
N TYR D 79 12.81 -5.41 13.08
CA TYR D 79 14.17 -5.69 13.59
C TYR D 79 14.96 -6.42 12.49
N THR D 80 16.26 -6.20 12.47
CA THR D 80 17.18 -7.08 11.71
C THR D 80 17.22 -8.46 12.33
N GLU D 81 17.64 -9.47 11.56
CA GLU D 81 17.82 -10.81 12.15
C GLU D 81 18.72 -10.76 13.39
N SER D 82 19.84 -10.03 13.32
CA SER D 82 20.82 -9.93 14.43
C SER D 82 20.17 -9.28 15.67
N GLU D 83 19.57 -8.10 15.51
CA GLU D 83 19.06 -7.39 16.73
C GLU D 83 17.81 -8.13 17.27
N GLY D 84 16.99 -8.65 16.39
CA GLY D 84 15.79 -9.42 16.75
C GLY D 84 16.13 -10.69 17.49
N ASP D 85 17.17 -11.42 17.08
CA ASP D 85 17.60 -12.62 17.83
C ASP D 85 17.95 -12.28 19.28
N ARG D 86 18.64 -11.17 19.53
CA ARG D 86 19.03 -10.72 20.88
C ARG D 86 17.74 -10.45 21.69
N GLU D 87 16.78 -9.78 21.09
CA GLU D 87 15.55 -9.36 21.83
C GLU D 87 14.67 -10.58 22.11
N LEU D 88 14.67 -11.57 21.26
CA LEU D 88 13.87 -12.80 21.45
C LEU D 88 14.47 -13.60 22.61
N ALA D 89 15.80 -13.74 22.65
CA ALA D 89 16.50 -14.33 23.81
C ALA D 89 16.13 -13.60 25.10
N ALA D 90 16.12 -12.26 25.07
CA ALA D 90 15.89 -11.38 26.25
C ALA D 90 14.45 -11.61 26.74
N ALA D 91 13.47 -11.65 25.85
CA ALA D 91 12.06 -11.82 26.28
C ALA D 91 11.92 -13.14 27.05
N TYR D 92 12.45 -14.25 26.53
CA TYR D 92 12.36 -15.57 27.23
C TYR D 92 13.13 -15.56 28.55
N ARG D 93 14.31 -14.94 28.60
CA ARG D 93 15.12 -14.76 29.84
C ARG D 93 14.25 -14.08 30.91
N GLU D 94 13.56 -13.00 30.55
CA GLU D 94 12.68 -12.27 31.48
C GLU D 94 11.48 -13.14 31.90
N VAL D 95 10.90 -13.93 31.00
CA VAL D 95 9.83 -14.92 31.35
C VAL D 95 10.38 -15.86 32.44
N ALA D 96 11.54 -16.44 32.23
CA ALA D 96 12.10 -17.44 33.18
C ALA D 96 12.25 -16.79 34.58
N LYS D 97 12.74 -15.54 34.63
CA LYS D 97 12.94 -14.81 35.90
C LYS D 97 11.59 -14.63 36.60
N GLU D 98 10.54 -14.26 35.86
CA GLU D 98 9.18 -14.11 36.45
C GLU D 98 8.63 -15.46 36.96
N VAL D 99 8.75 -16.52 36.18
CA VAL D 99 8.29 -17.88 36.60
C VAL D 99 8.98 -18.23 37.92
N THR D 100 10.30 -18.01 38.03
CA THR D 100 11.05 -18.35 39.28
C THR D 100 10.51 -17.48 40.42
N ARG D 101 10.40 -16.18 40.21
CA ARG D 101 10.00 -15.19 41.26
C ARG D 101 8.59 -15.54 41.78
N LEU D 102 7.69 -15.97 40.91
CA LEU D 102 6.28 -16.25 41.28
C LEU D 102 6.20 -17.58 42.07
N GLY D 103 7.17 -18.46 41.89
CA GLY D 103 7.24 -19.75 42.61
C GLY D 103 6.23 -20.74 42.10
N VAL D 104 5.72 -20.58 40.88
CA VAL D 104 4.72 -21.51 40.32
C VAL D 104 5.33 -22.90 40.07
N ASN D 105 4.47 -23.90 39.99
CA ASN D 105 4.85 -25.29 39.64
C ASN D 105 4.79 -25.51 38.12
N SER D 106 4.02 -24.72 37.40
CA SER D 106 3.74 -24.95 35.96
C SER D 106 3.46 -23.62 35.26
N VAL D 107 3.73 -23.59 33.96
CA VAL D 107 3.55 -22.38 33.11
C VAL D 107 3.14 -22.84 31.70
N ALA D 108 2.14 -22.17 31.12
CA ALA D 108 1.65 -22.28 29.74
C ALA D 108 2.39 -21.22 28.92
N ILE D 109 3.06 -21.61 27.83
N ILE D 109 3.09 -21.64 27.86
CA ILE D 109 3.93 -20.66 27.07
CA ILE D 109 3.94 -20.74 27.02
C ILE D 109 3.75 -20.90 25.56
C ILE D 109 3.60 -20.93 25.54
N PRO D 110 3.51 -19.82 24.78
CA PRO D 110 3.45 -19.90 23.33
C PRO D 110 4.84 -19.62 22.74
N LEU D 111 5.04 -19.91 21.46
CA LEU D 111 6.33 -19.63 20.78
C LEU D 111 6.34 -18.17 20.32
N LEU D 112 7.08 -17.35 21.06
CA LEU D 112 7.15 -15.91 20.80
C LEU D 112 7.70 -15.66 19.39
N SER D 113 7.18 -14.63 18.74
CA SER D 113 7.68 -14.08 17.44
C SER D 113 7.46 -15.07 16.29
N THR D 114 6.53 -16.03 16.41
CA THR D 114 6.31 -17.07 15.36
C THR D 114 5.07 -16.84 14.51
N GLY D 115 4.20 -15.90 14.85
CA GLY D 115 3.01 -15.56 14.06
C GLY D 115 3.18 -14.26 13.29
N VAL D 116 2.34 -13.25 13.58
CA VAL D 116 2.40 -11.97 12.84
C VAL D 116 3.70 -11.21 13.17
N TYR D 117 4.49 -11.62 14.17
CA TYR D 117 5.82 -10.99 14.43
C TYR D 117 6.96 -11.75 13.73
N SER D 118 6.65 -12.76 12.89
CA SER D 118 7.70 -13.63 12.28
C SER D 118 8.39 -12.97 11.07
N GLY D 119 7.89 -11.86 10.55
CA GLY D 119 8.47 -11.22 9.35
C GLY D 119 8.35 -12.16 8.15
N GLY D 120 7.33 -13.03 8.16
CA GLY D 120 6.99 -13.96 7.06
C GLY D 120 7.91 -15.18 6.98
N LYS D 121 8.67 -15.49 8.04
CA LYS D 121 9.66 -16.57 8.10
C LYS D 121 9.20 -17.62 9.12
N ASP D 122 9.53 -18.89 8.86
CA ASP D 122 9.31 -20.02 9.82
C ASP D 122 10.34 -19.90 10.92
N ARG D 123 9.92 -19.56 12.15
CA ARG D 123 10.79 -19.37 13.33
C ARG D 123 10.52 -20.40 14.43
N LEU D 124 9.94 -21.56 14.11
CA LEU D 124 9.73 -22.63 15.13
C LEU D 124 11.04 -22.97 15.84
N THR D 125 12.09 -23.42 15.11
CA THR D 125 13.35 -23.86 15.74
C THR D 125 14.01 -22.72 16.54
N GLN D 126 14.06 -21.54 15.96
CA GLN D 126 14.72 -20.35 16.59
C GLN D 126 13.99 -20.04 17.91
N SER D 127 12.69 -19.91 17.83
CA SER D 127 11.87 -19.53 19.03
C SER D 127 11.95 -20.64 20.10
N LEU D 128 11.82 -21.91 19.69
CA LEU D 128 11.91 -23.04 20.64
C LEU D 128 13.32 -23.13 21.27
N ASN D 129 14.40 -22.86 20.52
CA ASN D 129 15.77 -22.92 21.09
C ASN D 129 15.93 -21.88 22.19
N HIS D 130 15.42 -20.66 21.99
CA HIS D 130 15.52 -19.59 23.03
C HIS D 130 14.65 -19.96 24.26
N LEU D 131 13.49 -20.56 24.01
CA LEU D 131 12.56 -21.05 25.07
C LEU D 131 13.31 -22.07 25.96
N PHE D 132 13.91 -23.12 25.37
CA PHE D 132 14.63 -24.14 26.18
C PHE D 132 15.79 -23.49 26.94
N THR D 133 16.55 -22.62 26.28
CA THR D 133 17.74 -22.01 26.93
C THR D 133 17.32 -21.27 28.19
N ALA D 134 16.23 -20.50 28.12
CA ALA D 134 15.79 -19.68 29.27
C ALA D 134 15.12 -20.58 30.32
N MET D 135 14.25 -21.47 29.87
CA MET D 135 13.34 -22.18 30.81
C MET D 135 14.13 -23.31 31.50
N ASP D 136 15.25 -23.78 30.92
CA ASP D 136 16.10 -24.80 31.60
C ASP D 136 16.60 -24.28 32.95
N SER D 137 16.61 -22.97 33.20
CA SER D 137 17.12 -22.36 34.46
C SER D 137 16.03 -22.41 35.54
N THR D 138 14.80 -22.81 35.21
CA THR D 138 13.67 -22.91 36.18
C THR D 138 13.42 -24.37 36.57
N ASP D 139 12.58 -24.62 37.57
CA ASP D 139 12.22 -26.03 37.93
C ASP D 139 10.74 -26.31 37.62
N ALA D 140 10.09 -25.49 36.79
CA ALA D 140 8.65 -25.60 36.51
C ALA D 140 8.38 -26.61 35.42
N ASP D 141 7.22 -27.26 35.48
CA ASP D 141 6.62 -27.96 34.33
C ASP D 141 6.25 -26.90 33.30
N VAL D 142 6.84 -26.99 32.12
CA VAL D 142 6.55 -26.06 31.01
C VAL D 142 5.69 -26.78 29.99
N VAL D 143 4.57 -26.19 29.61
CA VAL D 143 3.64 -26.68 28.58
C VAL D 143 3.56 -25.67 27.46
N ILE D 144 4.07 -26.06 26.29
CA ILE D 144 4.09 -25.22 25.08
C ILE D 144 2.78 -25.42 24.33
N TYR D 145 2.15 -24.32 23.91
CA TYR D 145 0.85 -24.31 23.20
C TYR D 145 1.06 -23.93 21.73
N CYS D 146 0.49 -24.71 20.80
CA CYS D 146 0.51 -24.41 19.34
C CYS D 146 -0.86 -24.73 18.72
N ARG D 147 -1.10 -24.35 17.47
CA ARG D 147 -2.41 -24.57 16.79
C ARG D 147 -2.25 -25.49 15.58
N ASP D 148 -1.04 -25.67 15.06
CA ASP D 148 -0.79 -26.41 13.78
C ASP D 148 -0.30 -27.84 14.10
N LYS D 149 -0.83 -28.87 13.41
CA LYS D 149 -0.47 -30.28 13.70
C LYS D 149 1.00 -30.55 13.33
N GLU D 150 1.48 -29.97 12.22
CA GLU D 150 2.88 -30.17 11.81
C GLU D 150 3.79 -29.54 12.87
N TRP D 151 3.40 -28.37 13.41
CA TRP D 151 4.21 -27.72 14.47
C TRP D 151 4.17 -28.56 15.75
N GLU D 152 3.01 -29.11 16.10
CA GLU D 152 2.88 -29.99 17.28
C GLU D 152 3.88 -31.14 17.18
N LYS D 153 3.94 -31.80 16.02
CA LYS D 153 4.82 -32.99 15.81
C LYS D 153 6.30 -32.55 15.95
N LYS D 154 6.64 -31.42 15.32
CA LYS D 154 8.02 -30.86 15.30
C LYS D 154 8.44 -30.44 16.70
N ILE D 155 7.57 -29.72 17.46
CA ILE D 155 7.90 -29.37 18.87
C ILE D 155 8.08 -30.65 19.70
N SER D 156 7.18 -31.62 19.59
CA SER D 156 7.26 -32.91 20.31
C SER D 156 8.59 -33.64 20.02
N GLU D 157 8.96 -33.72 18.73
CA GLU D 157 10.25 -34.34 18.32
C GLU D 157 11.43 -33.59 18.94
N ALA D 158 11.40 -32.26 18.98
CA ALA D 158 12.48 -31.42 19.58
C ALA D 158 12.59 -31.71 21.09
N ILE D 159 11.46 -31.85 21.78
CA ILE D 159 11.45 -32.22 23.22
C ILE D 159 12.08 -33.62 23.37
N GLN D 160 11.60 -34.58 22.58
CA GLN D 160 12.02 -36.01 22.60
C GLN D 160 13.54 -36.07 22.41
N MET D 161 14.09 -35.29 21.47
CA MET D 161 15.51 -35.39 21.03
C MET D 161 16.48 -34.82 22.08
N ARG D 162 16.01 -34.09 23.10
CA ARG D 162 16.89 -33.54 24.17
C ARG D 162 17.02 -34.54 25.32
N THR D 163 16.23 -35.62 25.32
CA THR D 163 16.31 -36.70 26.34
C THR D 163 17.39 -37.70 25.88
S DMS E . 0.43 -6.29 -6.40
O DMS E . -0.43 -6.33 -5.14
C1 DMS E . -0.62 -6.20 -7.77
C2 DMS E . 1.06 -7.94 -6.68
S DMS F . -15.10 -16.86 -11.63
O DMS F . -14.29 -17.43 -10.48
C1 DMS F . -16.68 -16.46 -10.95
C2 DMS F . -15.64 -18.28 -12.53
S DMS G . -17.68 -12.12 -23.24
O DMS G . -18.30 -11.49 -22.02
C1 DMS G . -17.51 -10.86 -24.47
C2 DMS G . -18.97 -13.08 -24.02
C TRS H . -29.68 -16.95 -1.34
C1 TRS H . -29.82 -15.49 -1.78
C2 TRS H . -28.62 -17.12 -0.25
C3 TRS H . -31.03 -17.48 -0.84
N TRS H . -29.24 -17.75 -2.54
O1 TRS H . -30.81 -15.30 -2.80
O2 TRS H . -28.93 -16.41 0.95
O3 TRS H . -31.06 -18.89 -0.70
S DMS I . -16.22 -4.65 6.52
O DMS I . -16.60 -3.51 5.61
C1 DMS I . -15.17 -5.71 5.58
C2 DMS I . -17.63 -5.74 6.60
S DMS J . -17.11 -12.01 -16.21
O DMS J . -17.47 -11.26 -14.94
C1 DMS J . -15.36 -12.33 -16.13
C2 DMS J . -17.11 -10.83 -17.52
S DMS K . -19.35 5.40 -21.33
O DMS K . -18.54 6.10 -20.32
C1 DMS K . -18.49 5.65 -22.89
C2 DMS K . -20.81 6.38 -21.60
CL CL L . -18.82 -14.84 -14.89
CL CL M . -16.49 -8.17 -21.81
CL CL N . -5.81 -3.23 -19.16
S DMS O . -7.65 -2.60 -23.23
O DMS O . -8.16 -3.88 -22.54
C1 DMS O . -6.75 -1.69 -21.97
C2 DMS O . -6.25 -3.08 -24.24
S DMS P . 13.10 4.15 -22.91
O DMS P . 12.34 5.29 -23.58
C1 DMS P . 12.23 3.78 -21.45
C2 DMS P . 14.54 4.88 -22.16
S DMS Q . 9.01 1.08 -26.67
O DMS Q . 7.54 0.84 -26.83
C1 DMS Q . 9.34 2.52 -27.68
C2 DMS Q . 9.69 -0.10 -27.79
S DMS R . 20.15 3.45 -21.11
O DMS R . 19.07 4.35 -21.66
C1 DMS R . 21.10 4.41 -19.95
C2 DMS R . 21.38 3.27 -22.37
CL CL S . 18.02 6.28 -18.54
CL CL T . 13.16 3.81 -26.80
S DMS U . 1.46 16.80 6.06
O DMS U . 2.69 15.95 6.03
C1 DMS U . 1.19 17.22 7.77
C2 DMS U . 1.95 18.41 5.50
CL CL V . -3.61 19.02 10.46
CL CL W . 9.67 6.79 -6.90
CL CL X . 1.30 15.64 2.37
S DMS Y . 17.90 27.46 11.66
O DMS Y . 18.42 26.21 11.00
C1 DMS Y . 16.61 26.94 12.77
C2 DMS Y . 16.86 28.25 10.46
S DMS Z . 5.26 17.11 -0.11
O DMS Z . 4.64 16.21 0.94
C1 DMS Z . 7.02 16.97 0.10
C2 DMS Z . 5.08 18.77 0.48
S DMS AA . -2.01 -3.00 3.01
O DMS AA . -2.51 -1.95 2.05
C1 DMS AA . -0.42 -3.50 2.41
C2 DMS AA . -2.89 -4.50 2.65
C4 TT3 BA . -9.59 17.88 3.61
C5 TT3 BA . -9.76 18.03 2.25
C6 TT3 BA . -11.03 18.01 1.71
C7 TT3 BA . -12.13 17.84 2.53
C8 TT3 BA . -11.93 17.70 3.88
N TT3 BA . -5.89 19.03 6.54
C TT3 BA . -4.44 19.10 6.68
O TT3 BA . -5.87 17.42 4.98
C1 TT3 BA . -6.64 19.80 7.54
C2 TT3 BA . -6.47 18.30 5.58
C3 TT3 BA . -7.93 18.60 5.22
C9 TT3 BA . -10.68 17.72 4.45
F TT3 BA . -13.00 17.52 4.68
O1 TT3 BA . -8.28 17.87 4.04
S DMS CA . 2.07 -16.55 18.05
O DMS CA . 0.69 -15.94 18.02
C1 DMS CA . 1.88 -18.19 18.73
C2 DMS CA . 2.89 -15.82 19.44
C TRS DA . 15.63 -3.52 25.89
C1 TRS DA . 16.35 -2.18 25.76
C2 TRS DA . 16.67 -4.65 25.90
C3 TRS DA . 14.75 -3.59 27.14
N TRS DA . 14.76 -3.70 24.67
O1 TRS DA . 17.01 -2.07 24.51
O2 TRS DA . 16.07 -5.93 25.91
O3 TRS DA . 14.40 -2.32 27.66
S DMS EA . -14.45 -15.41 29.79
O DMS EA . -13.51 -16.40 29.11
C1 DMS EA . -15.03 -14.31 28.51
C2 DMS EA . -13.48 -14.24 30.74
S DMS FA . 0.79 -9.71 18.30
O DMS FA . -0.13 -9.01 19.30
C1 DMS FA . 0.02 -11.24 17.84
C2 DMS FA . 2.19 -10.41 19.18
S DMS GA . 3.07 -8.95 40.49
O DMS GA . 3.35 -10.43 40.26
C1 DMS GA . 1.65 -8.56 39.51
C2 DMS GA . 4.29 -8.06 39.57
CL CL HA . 1.27 -23.03 15.63
CL CL IA . 3.86 -13.47 17.12
#